data_2VRO
#
_entry.id   2VRO
#
_cell.length_a   57.980
_cell.length_b   67.690
_cell.length_c   77.620
_cell.angle_alpha   111.18
_cell.angle_beta   90.48
_cell.angle_gamma   113.27
#
_symmetry.space_group_name_H-M   'P 1'
#
loop_
_entity.id
_entity.type
_entity.pdbx_description
1 polymer 'ALDEHYDE DEHYDROGENASE'
2 non-polymer 'NADPH DIHYDRO-NICOTINAMIDE-ADENINE-DINUCLEOTIDE PHOSPHATE'
3 non-polymer 2-{2-[2-2-(METHOXY-ETHOXY)-ETHOXY]-ETHOXY}-ETHANOL
4 non-polymer 'HEXAETHYLENE GLYCOL'
5 water water
#
_entity_poly.entity_id   1
_entity_poly.type   'polypeptide(L)'
_entity_poly.pdbx_seq_one_letter_code
;HMTELLKNHVAGQWIAGTGAGITLTDPVTGVALVRVSSEGLDLARAFSFAREDGGAALRALTYAQRAARLADIVKLLQAK
RGDYYAIATANSGTTRNDSAVDIDGGIFTLSYYAKLGASLGEVHALRDGSAESLSKDRSFSAQHVLSPTRGVALFINAFN
FPSWGLWEKAAPALLSGVPVIVKPATATAWLTQRMVADVVDAGILPPGALSIICGSSAGLLDQIRSFDVVSFTGSADTAA
TLRAHPAFVQRGARLNVEADSLNSAILCADATPDTPAFDLFIKEVVREMTVKSGQKCTAIRRAFVPEAALEPVLEALKAK
LAKITVGNPRNDAVRMGSLVSREQYENVLAGIAALREEAVLAYDSSAVPLIDADANIAACVAPHLFVVNDPDNATLLHDV
EVFGPVASVAPYRVTTDTNALPEAHAVALARRGQGSLVASIYSNDDAHLGRLALELADSHGRVHAISPSVQHSQTGHGNV
MPMSLHGGPGRAGGGEELGGLRALAFYHRRSAIQAASAAIGTLTQATHWPAA
;
_entity_poly.pdbx_strand_id   A,B
#
loop_
_chem_comp.id
_chem_comp.type
_chem_comp.name
_chem_comp.formula
ETE non-polymer 2-{2-[2-2-(METHOXY-ETHOXY)-ETHOXY]-ETHOXY}-ETHANOL 'C9 H20 O5'
NDP non-polymer 'NADPH DIHYDRO-NICOTINAMIDE-ADENINE-DINUCLEOTIDE PHOSPHATE' 'C21 H30 N7 O17 P3'
P6G non-polymer 'HEXAETHYLENE GLYCOL' 'C12 H26 O7'
#
# COMPACT_ATOMS: atom_id res chain seq x y z
N HIS A 1 -3.23 -38.84 29.23
CA HIS A 1 -1.99 -38.20 29.76
C HIS A 1 -0.74 -38.58 28.98
N MET A 2 -0.20 -37.66 28.18
CA MET A 2 -0.90 -36.49 27.65
C MET A 2 -0.58 -36.47 26.16
N THR A 3 -1.45 -35.84 25.37
CA THR A 3 -1.17 -35.64 23.94
C THR A 3 0.11 -34.83 23.75
N GLU A 4 0.70 -34.95 22.55
CA GLU A 4 1.93 -34.26 22.19
C GLU A 4 1.84 -32.72 22.29
N LEU A 5 2.77 -32.12 23.04
CA LEU A 5 2.91 -30.67 23.03
C LEU A 5 3.82 -30.28 21.88
N LEU A 6 3.25 -29.62 20.87
CA LEU A 6 4.03 -29.18 19.71
C LEU A 6 5.01 -28.08 20.11
N LYS A 7 6.25 -28.20 19.62
CA LYS A 7 7.25 -27.18 19.91
C LYS A 7 7.20 -26.04 18.90
N ASN A 8 7.53 -24.85 19.38
CA ASN A 8 7.76 -23.68 18.55
C ASN A 8 9.15 -23.75 17.94
N HIS A 9 9.33 -23.13 16.78
CA HIS A 9 10.66 -23.00 16.21
C HIS A 9 11.02 -21.53 16.16
N VAL A 10 11.88 -21.15 17.10
CA VAL A 10 12.27 -19.76 17.29
C VAL A 10 13.77 -19.66 17.53
N ALA A 11 14.36 -18.60 16.95
CA ALA A 11 15.78 -18.33 17.05
C ALA A 11 16.62 -19.56 16.68
N GLY A 12 16.13 -20.29 15.68
CA GLY A 12 16.84 -21.45 15.15
C GLY A 12 16.77 -22.71 15.99
N GLN A 13 15.93 -22.71 17.03
CA GLN A 13 15.80 -23.87 17.90
C GLN A 13 14.35 -24.26 18.15
N TRP A 14 14.14 -25.54 18.50
CA TRP A 14 12.83 -26.01 18.93
C TRP A 14 12.62 -25.80 20.44
N ILE A 15 11.62 -24.99 20.77
CA ILE A 15 11.35 -24.64 22.16
C ILE A 15 9.88 -24.84 22.54
N ALA A 16 9.63 -25.67 23.55
CA ALA A 16 8.27 -25.83 24.03
C ALA A 16 7.80 -24.63 24.87
N GLY A 17 6.54 -24.24 24.67
CA GLY A 17 5.89 -23.31 25.57
C GLY A 17 5.65 -24.01 26.91
N THR A 18 5.53 -23.23 27.96
CA THR A 18 5.30 -23.76 29.30
C THR A 18 3.81 -23.92 29.58
N GLY A 19 3.49 -24.53 30.72
CA GLY A 19 2.09 -24.74 31.11
C GLY A 19 1.47 -25.96 30.43
N ALA A 20 0.16 -26.12 30.64
CA ALA A 20 -0.57 -27.28 30.15
C ALA A 20 -0.88 -27.16 28.65
N GLY A 21 -0.76 -25.93 28.14
CA GLY A 21 -1.04 -25.65 26.73
C GLY A 21 -2.51 -25.74 26.37
N ILE A 22 -2.81 -25.49 25.09
CA ILE A 22 -4.17 -25.49 24.57
C ILE A 22 -4.33 -26.72 23.69
N THR A 23 -5.38 -27.50 23.94
CA THR A 23 -5.59 -28.75 23.25
C THR A 23 -6.31 -28.51 21.92
N LEU A 24 -5.79 -29.11 20.86
CA LEU A 24 -6.51 -29.19 19.59
C LEU A 24 -7.27 -30.49 19.52
N THR A 25 -8.49 -30.42 19.00
CA THR A 25 -9.39 -31.56 19.00
C THR A 25 -9.97 -31.86 17.62
N ASP A 26 -10.33 -33.12 17.42
CA ASP A 26 -11.01 -33.56 16.22
C ASP A 26 -12.44 -33.04 16.25
N PRO A 27 -12.83 -32.22 15.26
CA PRO A 27 -14.17 -31.59 15.31
C PRO A 27 -15.31 -32.54 14.99
N VAL A 28 -14.99 -33.75 14.54
CA VAL A 28 -16.03 -34.77 14.30
C VAL A 28 -16.17 -35.70 15.51
N THR A 29 -15.03 -36.26 15.96
CA THR A 29 -15.02 -37.30 16.99
C THR A 29 -14.78 -36.76 18.41
N GLY A 30 -14.24 -35.55 18.53
CA GLY A 30 -13.97 -34.96 19.86
C GLY A 30 -12.65 -35.41 20.49
N VAL A 31 -11.90 -36.22 19.76
CA VAL A 31 -10.62 -36.79 20.25
C VAL A 31 -9.57 -35.68 20.43
N ALA A 32 -8.85 -35.71 21.55
CA ALA A 32 -7.74 -34.77 21.78
C ALA A 32 -6.58 -35.18 20.88
N LEU A 33 -6.02 -34.23 20.14
CA LEU A 33 -5.01 -34.55 19.12
C LEU A 33 -3.58 -34.21 19.57
N VAL A 34 -3.38 -32.94 19.90
CA VAL A 34 -2.07 -32.37 20.26
C VAL A 34 -2.36 -31.10 21.05
N ARG A 35 -1.28 -30.49 21.56
CA ARG A 35 -1.35 -29.24 22.32
C ARG A 35 -0.37 -28.21 21.77
N VAL A 36 -0.70 -26.93 21.91
CA VAL A 36 0.24 -25.85 21.59
C VAL A 36 0.41 -24.91 22.79
N SER A 37 1.51 -24.17 22.79
CA SER A 37 1.77 -23.18 23.83
C SER A 37 2.91 -22.26 23.40
N SER A 38 2.74 -20.96 23.61
CA SER A 38 3.78 -19.97 23.32
C SER A 38 4.28 -19.38 24.63
N GLU A 39 3.84 -19.96 25.74
CA GLU A 39 4.11 -19.39 27.06
C GLU A 39 5.59 -19.39 27.38
N GLY A 40 6.09 -18.24 27.83
CA GLY A 40 7.47 -18.09 28.24
C GLY A 40 8.52 -17.98 27.15
N LEU A 41 8.09 -17.88 25.88
CA LEU A 41 9.06 -17.73 24.79
C LEU A 41 9.76 -16.38 24.88
N ASP A 42 11.02 -16.35 24.46
CA ASP A 42 11.80 -15.11 24.39
C ASP A 42 11.54 -14.49 23.03
N LEU A 43 10.52 -13.62 22.99
CA LEU A 43 10.08 -13.02 21.72
C LEU A 43 11.10 -12.05 21.12
N ALA A 44 11.82 -11.32 21.97
CA ALA A 44 12.83 -10.38 21.50
C ALA A 44 13.88 -11.15 20.71
N ARG A 45 14.36 -12.24 21.28
CA ARG A 45 15.32 -13.08 20.60
C ARG A 45 14.76 -13.76 19.34
N ALA A 46 13.49 -14.19 19.39
CA ALA A 46 12.87 -14.84 18.24
C ALA A 46 12.87 -13.92 17.03
N PHE A 47 12.49 -12.66 17.25
CA PHE A 47 12.39 -11.67 16.19
C PHE A 47 13.76 -11.15 15.74
N SER A 48 14.66 -10.90 16.69
CA SER A 48 16.02 -10.47 16.31
C SER A 48 16.76 -11.53 15.51
N PHE A 49 16.68 -12.80 15.92
CA PHE A 49 17.39 -13.84 15.19
C PHE A 49 16.83 -13.95 13.76
N ALA A 50 15.50 -13.90 13.64
CA ALA A 50 14.89 -13.98 12.32
C ALA A 50 15.34 -12.81 11.45
N ARG A 51 15.22 -11.59 11.98
CA ARG A 51 15.53 -10.39 11.22
C ARG A 51 17.01 -10.29 10.82
N GLU A 52 17.89 -10.59 11.78
CA GLU A 52 19.33 -10.44 11.59
C GLU A 52 19.92 -11.65 10.89
N ASP A 53 19.96 -12.79 11.58
CA ASP A 53 20.56 -14.01 11.05
C ASP A 53 19.79 -14.55 9.84
N GLY A 54 18.47 -14.66 9.97
CA GLY A 54 17.62 -15.14 8.88
C GLY A 54 17.67 -14.22 7.67
N GLY A 55 17.44 -12.92 7.88
CA GLY A 55 17.43 -11.94 6.80
C GLY A 55 18.76 -11.82 6.08
N ALA A 56 19.86 -11.77 6.83
CA ALA A 56 21.17 -11.72 6.20
C ALA A 56 21.43 -12.96 5.33
N ALA A 57 21.08 -14.14 5.86
CA ALA A 57 21.27 -15.39 5.14
C ALA A 57 20.45 -15.45 3.84
N LEU A 58 19.17 -15.06 3.91
CA LEU A 58 18.33 -15.09 2.72
C LEU A 58 18.79 -14.09 1.66
N ARG A 59 19.11 -12.88 2.11
CA ARG A 59 19.57 -11.82 1.20
C ARG A 59 20.91 -12.15 0.51
N ALA A 60 21.73 -12.98 1.17
CA ALA A 60 23.01 -13.43 0.61
C ALA A 60 22.78 -14.30 -0.62
N LEU A 61 21.63 -14.99 -0.63
CA LEU A 61 21.21 -15.81 -1.79
C LEU A 61 20.57 -14.94 -2.87
N THR A 62 20.67 -15.39 -4.13
CA THR A 62 19.99 -14.75 -5.25
C THR A 62 18.53 -15.22 -5.33
N TYR A 63 17.69 -14.48 -6.07
CA TYR A 63 16.32 -14.94 -6.34
C TYR A 63 16.30 -16.40 -6.82
N ALA A 64 17.08 -16.72 -7.85
CA ALA A 64 17.09 -18.09 -8.38
C ALA A 64 17.49 -19.12 -7.32
N GLN A 65 18.47 -18.79 -6.49
CA GLN A 65 18.89 -19.69 -5.42
C GLN A 65 17.77 -19.95 -4.42
N ARG A 66 17.06 -18.88 -4.04
CA ARG A 66 15.92 -19.03 -3.13
C ARG A 66 14.79 -19.83 -3.80
N ALA A 67 14.54 -19.55 -5.08
CA ALA A 67 13.54 -20.29 -5.83
C ALA A 67 13.88 -21.79 -5.83
N ALA A 68 15.17 -22.10 -5.99
CA ALA A 68 15.62 -23.50 -5.97
C ALA A 68 15.31 -24.19 -4.64
N ARG A 69 15.48 -23.46 -3.52
CA ARG A 69 15.10 -23.96 -2.22
C ARG A 69 13.58 -24.20 -2.13
N LEU A 70 12.81 -23.28 -2.71
CA LEU A 70 11.36 -23.45 -2.79
C LEU A 70 10.95 -24.74 -3.51
N ALA A 71 11.63 -25.04 -4.63
CA ALA A 71 11.42 -26.26 -5.40
C ALA A 71 11.72 -27.52 -4.59
N ASP A 72 12.77 -27.44 -3.76
CA ASP A 72 13.09 -28.54 -2.82
C ASP A 72 12.01 -28.77 -1.78
N ILE A 73 11.46 -27.67 -1.23
CA ILE A 73 10.36 -27.77 -0.28
C ILE A 73 9.17 -28.47 -0.94
N VAL A 74 8.85 -28.07 -2.17
CA VAL A 74 7.76 -28.68 -2.93
C VAL A 74 7.88 -30.21 -2.96
N LYS A 75 9.05 -30.69 -3.40
CA LYS A 75 9.31 -32.14 -3.41
C LYS A 75 9.16 -32.79 -2.04
N LEU A 76 9.69 -32.13 -1.01
CA LEU A 76 9.57 -32.62 0.36
C LEU A 76 8.11 -32.73 0.78
N LEU A 77 7.35 -31.65 0.59
CA LEU A 77 5.93 -31.64 0.93
C LEU A 77 5.14 -32.71 0.18
N GLN A 78 5.45 -32.86 -1.12
CA GLN A 78 4.78 -33.86 -1.94
C GLN A 78 5.00 -35.25 -1.35
N ALA A 79 6.23 -35.53 -0.91
CA ALA A 79 6.56 -36.87 -0.45
C ALA A 79 5.87 -37.22 0.87
N LYS A 80 5.48 -36.18 1.61
CA LYS A 80 4.87 -36.35 2.94
C LYS A 80 3.37 -36.09 2.99
N ARG A 81 2.73 -36.02 1.81
CA ARG A 81 1.27 -35.79 1.73
C ARG A 81 0.43 -36.78 2.53
N GLY A 82 0.81 -38.05 2.58
CA GLY A 82 0.08 -39.03 3.40
C GLY A 82 -0.06 -38.60 4.86
N ASP A 83 1.03 -38.06 5.42
CA ASP A 83 1.03 -37.58 6.81
C ASP A 83 0.06 -36.41 6.95
N TYR A 84 0.13 -35.50 5.97
CA TYR A 84 -0.66 -34.27 5.95
C TYR A 84 -2.16 -34.54 5.84
N TYR A 85 -2.55 -35.42 4.93
CA TYR A 85 -3.96 -35.80 4.83
C TYR A 85 -4.55 -36.38 6.13
N ALA A 86 -3.76 -37.19 6.85
CA ALA A 86 -4.24 -37.78 8.10
C ALA A 86 -4.46 -36.69 9.14
N ILE A 87 -3.54 -35.72 9.19
CA ILE A 87 -3.70 -34.56 10.08
C ILE A 87 -4.94 -33.71 9.72
N ALA A 88 -5.11 -33.44 8.42
CA ALA A 88 -6.26 -32.66 7.94
C ALA A 88 -7.60 -33.32 8.32
N THR A 89 -7.70 -34.63 8.10
CA THR A 89 -8.90 -35.40 8.42
C THR A 89 -9.22 -35.26 9.90
N ALA A 90 -8.22 -35.50 10.73
CA ALA A 90 -8.41 -35.47 12.18
C ALA A 90 -8.66 -34.03 12.70
N ASN A 91 -7.80 -33.09 12.30
CA ASN A 91 -7.84 -31.74 12.92
C ASN A 91 -8.93 -30.84 12.32
N SER A 92 -9.17 -30.99 11.01
CA SER A 92 -10.09 -30.10 10.32
C SER A 92 -11.46 -30.72 9.97
N GLY A 93 -11.56 -32.06 9.98
CA GLY A 93 -12.83 -32.77 9.73
C GLY A 93 -13.34 -32.63 8.29
N THR A 94 -12.40 -32.37 7.37
CA THR A 94 -12.71 -32.16 5.95
C THR A 94 -12.58 -33.46 5.15
N THR A 95 -13.44 -33.61 4.15
CA THR A 95 -13.32 -34.70 3.16
C THR A 95 -11.95 -34.63 2.46
N ARG A 96 -11.54 -35.74 1.85
CA ARG A 96 -10.28 -35.80 1.11
C ARG A 96 -10.18 -34.67 0.05
N ASN A 97 -11.25 -34.48 -0.71
CA ASN A 97 -11.29 -33.44 -1.76
C ASN A 97 -11.14 -32.04 -1.17
N ASP A 98 -11.73 -31.82 -0.01
CA ASP A 98 -11.64 -30.50 0.60
C ASP A 98 -10.25 -30.27 1.24
N SER A 99 -9.71 -31.30 1.89
CA SER A 99 -8.36 -31.27 2.42
C SER A 99 -7.34 -30.93 1.31
N ALA A 100 -7.59 -31.50 0.13
CA ALA A 100 -6.75 -31.26 -1.05
C ALA A 100 -6.60 -29.78 -1.42
N VAL A 101 -7.66 -29.01 -1.23
CA VAL A 101 -7.61 -27.56 -1.50
C VAL A 101 -6.50 -26.91 -0.62
N ASP A 102 -6.44 -27.33 0.64
CA ASP A 102 -5.45 -26.79 1.57
C ASP A 102 -4.05 -27.33 1.30
N ILE A 103 -3.93 -28.67 1.25
CA ILE A 103 -2.64 -29.35 1.12
C ILE A 103 -2.07 -29.20 -0.30
N ASP A 104 -2.82 -29.67 -1.31
CA ASP A 104 -2.36 -29.62 -2.69
C ASP A 104 -2.46 -28.22 -3.28
N GLY A 105 -3.45 -27.44 -2.83
CA GLY A 105 -3.48 -26.02 -3.16
C GLY A 105 -2.23 -25.29 -2.67
N GLY A 106 -1.82 -25.59 -1.44
CA GLY A 106 -0.61 -25.03 -0.85
C GLY A 106 0.62 -25.39 -1.68
N ILE A 107 0.77 -26.67 -1.97
CA ILE A 107 1.92 -27.17 -2.75
C ILE A 107 1.98 -26.56 -4.16
N PHE A 108 0.86 -26.63 -4.90
CA PHE A 108 0.72 -25.96 -6.19
C PHE A 108 1.21 -24.50 -6.15
N THR A 109 0.73 -23.75 -5.15
CA THR A 109 1.04 -22.33 -5.03
C THR A 109 2.56 -22.13 -4.81
N LEU A 110 3.13 -22.91 -3.90
CA LEU A 110 4.57 -22.86 -3.65
C LEU A 110 5.34 -23.17 -4.93
N SER A 111 4.93 -24.21 -5.63
CA SER A 111 5.62 -24.60 -6.86
C SER A 111 5.52 -23.52 -7.95
N TYR A 112 4.36 -22.87 -8.05
CA TYR A 112 4.17 -21.75 -8.96
C TYR A 112 5.20 -20.65 -8.70
N TYR A 113 5.39 -20.27 -7.43
CA TYR A 113 6.42 -19.27 -7.10
C TYR A 113 7.87 -19.75 -7.28
N ALA A 114 8.10 -21.05 -7.09
CA ALA A 114 9.42 -21.62 -7.37
C ALA A 114 9.74 -21.43 -8.85
N LYS A 115 8.76 -21.72 -9.71
CA LYS A 115 8.98 -21.57 -11.16
C LYS A 115 9.16 -20.11 -11.56
N LEU A 116 8.27 -19.26 -11.06
CA LEU A 116 8.35 -17.84 -11.29
C LEU A 116 9.73 -17.29 -10.85
N GLY A 117 10.18 -17.75 -9.68
CA GLY A 117 11.45 -17.34 -9.08
C GLY A 117 12.70 -17.74 -9.85
N ALA A 118 12.69 -18.95 -10.42
CA ALA A 118 13.82 -19.38 -11.26
C ALA A 118 14.11 -18.38 -12.39
N SER A 119 13.05 -17.82 -12.97
CA SER A 119 13.12 -16.83 -14.06
C SER A 119 13.75 -15.48 -13.65
N LEU A 120 13.84 -15.22 -12.35
CA LEU A 120 14.35 -13.94 -11.86
C LEU A 120 15.89 -13.88 -11.87
N GLY A 121 16.52 -15.06 -11.97
CA GLY A 121 17.95 -15.14 -12.18
C GLY A 121 18.85 -14.90 -10.99
N GLU A 122 20.15 -14.80 -11.26
CA GLU A 122 21.17 -14.73 -10.22
C GLU A 122 21.50 -13.30 -9.80
N VAL A 123 20.47 -12.61 -9.31
CA VAL A 123 20.61 -11.21 -8.95
C VAL A 123 20.09 -11.06 -7.53
N HIS A 124 20.34 -9.89 -6.92
CA HIS A 124 19.93 -9.63 -5.54
C HIS A 124 18.93 -8.47 -5.43
N ALA A 125 18.59 -7.87 -6.57
CA ALA A 125 17.59 -6.81 -6.65
C ALA A 125 16.92 -6.85 -8.01
N LEU A 126 15.67 -6.41 -8.06
CA LEU A 126 14.88 -6.47 -9.28
C LEU A 126 14.74 -5.11 -9.92
N ARG A 127 14.70 -5.09 -11.26
CA ARG A 127 14.33 -3.88 -11.99
C ARG A 127 12.82 -3.72 -11.96
N ASP A 128 12.40 -2.48 -11.74
CA ASP A 128 11.00 -2.11 -11.85
C ASP A 128 10.87 -1.19 -13.05
N GLY A 129 10.23 -1.69 -14.11
CA GLY A 129 10.13 -0.94 -15.35
C GLY A 129 11.47 -0.76 -16.03
N SER A 130 11.54 0.19 -16.95
CA SER A 130 12.74 0.39 -17.75
C SER A 130 13.46 1.69 -17.39
N ALA A 131 14.67 1.84 -17.91
CA ALA A 131 15.43 3.07 -17.74
C ALA A 131 14.74 4.20 -18.48
N GLU A 132 14.78 5.39 -17.88
CA GLU A 132 14.16 6.57 -18.47
C GLU A 132 15.16 7.72 -18.49
N SER A 133 15.23 8.44 -19.62
CA SER A 133 16.12 9.58 -19.73
C SER A 133 15.62 10.75 -18.88
N LEU A 134 16.54 11.42 -18.19
CA LEU A 134 16.24 12.65 -17.46
C LEU A 134 16.95 13.88 -18.03
N SER A 135 17.53 13.75 -19.22
CA SER A 135 18.23 14.89 -19.83
C SER A 135 18.13 14.81 -21.35
N LYS A 136 18.13 15.98 -22.00
CA LYS A 136 18.08 16.02 -23.47
C LYS A 136 19.20 15.20 -24.12
N ASP A 137 20.41 15.28 -23.59
CA ASP A 137 21.53 14.53 -24.16
C ASP A 137 21.64 13.06 -23.68
N ARG A 138 20.72 12.64 -22.81
CA ARG A 138 20.64 11.25 -22.33
C ARG A 138 21.83 10.81 -21.47
N SER A 139 22.57 11.77 -20.90
CA SER A 139 23.74 11.46 -20.09
C SER A 139 23.32 11.08 -18.67
N PHE A 140 22.12 11.57 -18.30
CA PHE A 140 21.56 11.35 -16.97
C PHE A 140 20.22 10.65 -17.12
N SER A 141 20.08 9.50 -16.45
CA SER A 141 18.89 8.63 -16.59
C SER A 141 18.45 8.07 -15.24
N ALA A 142 17.30 7.38 -15.23
CA ALA A 142 16.76 6.82 -13.99
C ALA A 142 16.26 5.41 -14.21
N GLN A 143 16.55 4.53 -13.25
CA GLN A 143 16.04 3.19 -13.24
C GLN A 143 15.49 2.92 -11.83
N HIS A 144 14.24 2.46 -11.77
CA HIS A 144 13.68 2.01 -10.50
C HIS A 144 14.06 0.57 -10.18
N VAL A 145 14.29 0.32 -8.91
CA VAL A 145 14.64 -1.02 -8.47
C VAL A 145 13.80 -1.43 -7.26
N LEU A 146 13.71 -2.75 -7.04
CA LEU A 146 13.09 -3.33 -5.84
C LEU A 146 14.17 -4.05 -5.02
N SER A 147 14.25 -3.71 -3.73
CA SER A 147 15.24 -4.32 -2.83
C SER A 147 14.48 -4.94 -1.65
N PRO A 148 14.93 -6.13 -1.18
CA PRO A 148 14.24 -6.81 -0.09
C PRO A 148 14.22 -5.92 1.16
N THR A 149 13.09 -5.94 1.86
CA THR A 149 12.99 -5.18 3.11
C THR A 149 13.83 -5.87 4.19
N ARG A 150 14.54 -5.06 4.97
CA ARG A 150 15.42 -5.57 6.02
C ARG A 150 14.61 -5.76 7.30
N GLY A 151 13.65 -6.66 7.17
CA GLY A 151 12.75 -6.97 8.26
C GLY A 151 12.36 -8.42 8.24
N VAL A 152 11.34 -8.72 9.02
CA VAL A 152 10.71 -10.02 9.04
C VAL A 152 9.28 -9.92 8.53
N ALA A 153 8.77 -11.07 8.07
CA ALA A 153 7.36 -11.20 7.68
C ALA A 153 6.61 -12.04 8.71
N LEU A 154 5.65 -11.42 9.39
CA LEU A 154 4.83 -12.12 10.39
C LEU A 154 3.46 -12.42 9.81
N PHE A 155 3.11 -13.70 9.76
CA PHE A 155 1.82 -14.11 9.24
C PHE A 155 0.90 -14.57 10.36
N ILE A 156 -0.18 -13.81 10.56
CA ILE A 156 -1.20 -14.20 11.53
C ILE A 156 -2.34 -14.77 10.70
N ASN A 157 -2.38 -16.09 10.67
CA ASN A 157 -3.19 -16.78 9.68
C ASN A 157 -4.52 -17.35 10.21
N ALA A 158 -5.50 -17.44 9.33
CA ALA A 158 -6.84 -17.94 9.69
C ALA A 158 -6.90 -19.46 9.87
N PHE A 159 -7.89 -19.93 10.62
CA PHE A 159 -8.01 -21.37 10.87
C PHE A 159 -8.33 -22.23 9.64
N ASN A 160 -8.90 -21.64 8.61
CA ASN A 160 -9.45 -22.45 7.52
C ASN A 160 -8.41 -23.15 6.62
N PHE A 161 -7.26 -22.52 6.45
CA PHE A 161 -6.25 -23.02 5.52
C PHE A 161 -4.86 -23.05 6.20
N PRO A 162 -4.64 -24.00 7.14
CA PRO A 162 -3.33 -24.09 7.81
C PRO A 162 -2.14 -24.27 6.85
N SER A 163 -2.36 -25.01 5.77
CA SER A 163 -1.30 -25.23 4.77
C SER A 163 -1.26 -24.09 3.75
N TRP A 164 -2.38 -23.88 3.05
CA TRP A 164 -2.39 -22.88 1.97
C TRP A 164 -2.13 -21.47 2.53
N GLY A 165 -2.67 -21.15 3.70
CA GLY A 165 -2.40 -19.82 4.26
C GLY A 165 -0.92 -19.58 4.54
N LEU A 166 -0.23 -20.63 4.97
CA LEU A 166 1.23 -20.58 5.13
C LEU A 166 1.93 -20.34 3.78
N TRP A 167 1.70 -21.21 2.80
CA TRP A 167 2.53 -21.22 1.58
C TRP A 167 2.17 -20.10 0.61
N GLU A 168 0.87 -19.77 0.57
CA GLU A 168 0.28 -18.55 0.03
C GLU A 168 1.18 -17.33 0.22
N LYS A 169 1.59 -17.15 1.48
CA LYS A 169 2.30 -15.98 1.93
C LYS A 169 3.82 -16.26 1.96
N ALA A 170 4.20 -17.44 2.42
CA ALA A 170 5.60 -17.77 2.62
C ALA A 170 6.34 -17.85 1.29
N ALA A 171 5.66 -18.29 0.24
CA ALA A 171 6.31 -18.41 -1.07
C ALA A 171 6.85 -17.07 -1.59
N PRO A 172 5.98 -16.05 -1.77
CA PRO A 172 6.52 -14.75 -2.17
C PRO A 172 7.50 -14.14 -1.14
N ALA A 173 7.24 -14.32 0.16
CA ALA A 173 8.13 -13.77 1.21
C ALA A 173 9.56 -14.31 1.13
N LEU A 174 9.69 -15.65 1.07
CA LEU A 174 11.01 -16.28 0.98
C LEU A 174 11.66 -16.02 -0.38
N LEU A 175 10.86 -16.01 -1.44
CA LEU A 175 11.40 -15.69 -2.77
C LEU A 175 12.02 -14.30 -2.74
N SER A 176 11.37 -13.38 -2.01
CA SER A 176 11.82 -12.00 -1.86
C SER A 176 13.04 -11.82 -0.93
N GLY A 177 13.39 -12.88 -0.19
CA GLY A 177 14.54 -12.85 0.72
C GLY A 177 14.17 -12.31 2.10
N VAL A 178 12.89 -12.43 2.46
CA VAL A 178 12.39 -11.94 3.74
C VAL A 178 12.05 -13.12 4.64
N PRO A 179 12.68 -13.18 5.85
CA PRO A 179 12.45 -14.28 6.80
C PRO A 179 11.00 -14.28 7.33
N VAL A 180 10.46 -15.49 7.54
CA VAL A 180 9.05 -15.70 7.85
C VAL A 180 8.86 -16.17 9.28
N ILE A 181 7.94 -15.54 10.02
CA ILE A 181 7.45 -16.04 11.29
C ILE A 181 5.95 -16.27 11.08
N VAL A 182 5.54 -17.53 11.08
CA VAL A 182 4.12 -17.86 10.94
C VAL A 182 3.49 -18.12 12.32
N LYS A 183 2.29 -17.57 12.51
CA LYS A 183 1.48 -17.79 13.69
C LYS A 183 0.10 -18.27 13.22
N PRO A 184 -0.05 -19.60 13.07
CA PRO A 184 -1.30 -20.16 12.58
C PRO A 184 -2.37 -20.10 13.67
N ALA A 185 -3.64 -19.99 13.27
CA ALA A 185 -4.70 -20.02 14.27
C ALA A 185 -4.62 -21.33 15.08
N THR A 186 -4.81 -21.20 16.38
CA THR A 186 -4.64 -22.32 17.30
C THR A 186 -5.39 -23.61 16.94
N ALA A 187 -6.69 -23.49 16.66
CA ALA A 187 -7.59 -24.65 16.57
C ALA A 187 -7.09 -25.65 15.55
N THR A 188 -6.47 -25.14 14.48
CA THR A 188 -6.00 -26.01 13.40
C THR A 188 -4.51 -25.85 13.10
N ALA A 189 -3.73 -25.44 14.10
CA ALA A 189 -2.31 -25.16 13.92
C ALA A 189 -1.46 -26.37 13.55
N TRP A 190 -1.96 -27.58 13.80
CA TRP A 190 -1.11 -28.78 13.73
C TRP A 190 -0.47 -28.99 12.37
N LEU A 191 -1.28 -28.91 11.30
CA LEU A 191 -0.72 -29.09 9.96
C LEU A 191 0.38 -28.07 9.66
N THR A 192 0.14 -26.81 10.02
CA THR A 192 1.13 -25.77 9.82
C THR A 192 2.44 -26.13 10.53
N GLN A 193 2.32 -26.53 11.79
CA GLN A 193 3.49 -26.86 12.59
C GLN A 193 4.24 -28.05 12.02
N ARG A 194 3.50 -29.07 11.56
CA ARG A 194 4.14 -30.26 10.98
C ARG A 194 4.88 -29.91 9.68
N MET A 195 4.24 -29.14 8.80
CA MET A 195 4.91 -28.71 7.57
C MET A 195 6.18 -27.91 7.85
N VAL A 196 6.10 -26.94 8.76
CA VAL A 196 7.26 -26.16 9.17
C VAL A 196 8.35 -27.07 9.76
N ALA A 197 7.95 -27.99 10.65
CA ALA A 197 8.89 -28.99 11.23
C ALA A 197 9.60 -29.82 10.15
N ASP A 198 8.85 -30.34 9.19
CA ASP A 198 9.46 -31.15 8.13
C ASP A 198 10.48 -30.32 7.35
N VAL A 199 10.11 -29.09 7.01
CA VAL A 199 10.99 -28.20 6.24
C VAL A 199 12.24 -27.83 7.02
N VAL A 200 12.04 -27.45 8.29
CA VAL A 200 13.15 -27.13 9.20
C VAL A 200 14.06 -28.36 9.38
N ASP A 201 13.48 -29.53 9.66
CA ASP A 201 14.24 -30.79 9.83
C ASP A 201 15.17 -31.05 8.65
N ALA A 202 14.68 -30.68 7.46
CA ALA A 202 15.37 -30.98 6.22
C ALA A 202 16.56 -30.04 5.95
N GLY A 203 16.58 -28.88 6.62
CA GLY A 203 17.70 -27.93 6.49
C GLY A 203 17.82 -27.32 5.11
N ILE A 204 16.70 -27.20 4.41
CA ILE A 204 16.63 -26.58 3.08
C ILE A 204 16.94 -25.09 3.15
N LEU A 205 16.35 -24.42 4.14
CA LEU A 205 16.50 -22.98 4.35
C LEU A 205 17.50 -22.69 5.47
N PRO A 206 18.17 -21.51 5.40
CA PRO A 206 19.10 -21.18 6.48
C PRO A 206 18.40 -20.97 7.82
N PRO A 207 19.10 -21.24 8.94
CA PRO A 207 18.55 -20.91 10.24
C PRO A 207 18.09 -19.45 10.30
N GLY A 208 16.87 -19.27 10.80
CA GLY A 208 16.30 -17.95 10.93
C GLY A 208 15.33 -17.62 9.82
N ALA A 209 15.41 -18.35 8.70
CA ALA A 209 14.53 -18.09 7.55
C ALA A 209 13.05 -18.41 7.82
N LEU A 210 12.81 -19.41 8.67
CA LEU A 210 11.45 -19.87 8.90
C LEU A 210 11.24 -20.21 10.37
N SER A 211 10.33 -19.49 11.00
CA SER A 211 10.00 -19.68 12.41
C SER A 211 8.50 -19.89 12.54
N ILE A 212 8.10 -20.56 13.61
CA ILE A 212 6.69 -20.77 13.95
C ILE A 212 6.44 -20.65 15.44
N ILE A 213 5.34 -19.97 15.76
CA ILE A 213 4.89 -19.78 17.12
C ILE A 213 3.42 -20.14 17.14
N CYS A 214 3.03 -21.04 18.04
CA CYS A 214 1.62 -21.41 18.23
C CYS A 214 1.20 -21.24 19.69
N GLY A 215 -0.05 -20.81 19.88
CA GLY A 215 -0.58 -20.46 21.19
C GLY A 215 -0.94 -18.98 21.25
N SER A 216 -0.87 -18.39 22.44
CA SER A 216 -1.17 -16.97 22.59
C SER A 216 -0.31 -16.05 21.70
N SER A 217 -0.97 -15.03 21.19
CA SER A 217 -0.36 -13.96 20.39
C SER A 217 0.24 -12.83 21.21
N ALA A 218 0.03 -12.88 22.52
CA ALA A 218 0.51 -11.80 23.39
C ALA A 218 1.97 -11.48 23.08
N GLY A 219 2.24 -10.19 22.85
CA GLY A 219 3.63 -9.73 22.72
C GLY A 219 4.24 -9.76 21.33
N LEU A 220 3.54 -10.36 20.37
CA LEU A 220 4.10 -10.48 19.02
C LEU A 220 4.22 -9.12 18.31
N LEU A 221 3.13 -8.35 18.29
CA LEU A 221 3.15 -7.04 17.61
C LEU A 221 4.14 -6.07 18.26
N ASP A 222 4.31 -6.22 19.58
CA ASP A 222 5.31 -5.42 20.32
C ASP A 222 6.73 -5.57 19.74
N GLN A 223 7.01 -6.70 19.11
CA GLN A 223 8.32 -6.97 18.51
C GLN A 223 8.46 -6.47 17.06
N ILE A 224 7.34 -6.05 16.47
CA ILE A 224 7.33 -5.56 15.08
C ILE A 224 7.93 -4.16 14.96
N ARG A 225 8.84 -4.02 14.01
CA ARG A 225 9.58 -2.79 13.80
C ARG A 225 9.36 -2.23 12.38
N SER A 226 9.97 -1.08 12.09
CA SER A 226 9.59 -0.25 10.93
C SER A 226 9.77 -0.85 9.53
N PHE A 227 10.66 -1.84 9.40
CA PHE A 227 10.91 -2.50 8.12
C PHE A 227 10.28 -3.89 8.04
N ASP A 228 9.51 -4.26 9.05
CA ASP A 228 8.80 -5.53 9.04
C ASP A 228 7.49 -5.40 8.28
N VAL A 229 6.91 -6.55 7.95
CA VAL A 229 5.61 -6.56 7.30
C VAL A 229 4.73 -7.60 7.98
N VAL A 230 3.43 -7.36 8.04
CA VAL A 230 2.53 -8.28 8.72
C VAL A 230 1.35 -8.56 7.80
N SER A 231 1.00 -9.83 7.68
CA SER A 231 -0.16 -10.24 6.89
C SER A 231 -1.16 -10.96 7.81
N PHE A 232 -2.34 -10.34 7.97
CA PHE A 232 -3.41 -10.88 8.82
C PHE A 232 -4.58 -11.35 7.96
N THR A 233 -5.10 -12.53 8.29
CA THR A 233 -6.30 -13.06 7.67
C THR A 233 -7.29 -13.43 8.77
N GLY A 234 -8.49 -12.87 8.70
CA GLY A 234 -9.53 -13.17 9.68
C GLY A 234 -10.62 -12.10 9.76
N SER A 235 -11.18 -11.93 10.96
CA SER A 235 -12.33 -11.05 11.12
C SER A 235 -11.96 -9.57 11.01
N ALA A 236 -12.94 -8.77 10.59
CA ALA A 236 -12.82 -7.32 10.55
C ALA A 236 -12.54 -6.75 11.96
N ASP A 237 -13.19 -7.32 12.97
CA ASP A 237 -13.04 -6.89 14.36
C ASP A 237 -11.60 -7.00 14.83
N THR A 238 -11.01 -8.18 14.60
CA THR A 238 -9.63 -8.42 14.98
C THR A 238 -8.68 -7.55 14.16
N ALA A 239 -8.94 -7.45 12.87
CA ALA A 239 -8.16 -6.58 11.99
C ALA A 239 -8.08 -5.15 12.53
N ALA A 240 -9.22 -4.63 12.99
CA ALA A 240 -9.30 -3.27 13.54
C ALA A 240 -8.44 -3.14 14.79
N THR A 241 -8.45 -4.17 15.64
CA THR A 241 -7.57 -4.20 16.81
C THR A 241 -6.10 -4.15 16.38
N LEU A 242 -5.73 -5.01 15.44
CA LEU A 242 -4.36 -4.98 14.90
C LEU A 242 -3.97 -3.63 14.33
N ARG A 243 -4.86 -3.02 13.55
CA ARG A 243 -4.52 -1.75 12.91
C ARG A 243 -4.15 -0.65 13.90
N ALA A 244 -4.73 -0.72 15.10
CA ALA A 244 -4.54 0.28 16.17
C ALA A 244 -3.17 0.17 16.84
N HIS A 245 -2.49 -0.96 16.64
CA HIS A 245 -1.25 -1.23 17.34
C HIS A 245 -0.10 -0.26 16.96
N PRO A 246 0.67 0.23 17.96
CA PRO A 246 1.84 1.08 17.72
C PRO A 246 2.81 0.59 16.61
N ALA A 247 2.90 -0.73 16.41
CA ALA A 247 3.73 -1.30 15.36
C ALA A 247 3.41 -0.68 14.00
N PHE A 248 2.13 -0.39 13.80
CA PHE A 248 1.67 0.20 12.54
C PHE A 248 1.46 1.70 12.63
N VAL A 249 0.77 2.13 13.69
CA VAL A 249 0.41 3.54 13.83
C VAL A 249 1.62 4.43 14.13
N GLN A 250 2.54 3.94 14.97
CA GLN A 250 3.70 4.73 15.35
C GLN A 250 4.93 4.33 14.55
N ARG A 251 5.15 3.03 14.37
CA ARG A 251 6.38 2.55 13.74
C ARG A 251 6.25 2.30 12.26
N GLY A 252 5.01 2.34 11.75
CA GLY A 252 4.76 2.38 10.31
C GLY A 252 5.03 1.10 9.54
N ALA A 253 5.06 -0.03 10.24
CA ALA A 253 5.25 -1.34 9.61
C ALA A 253 4.12 -1.59 8.61
N ARG A 254 4.40 -2.37 7.57
CA ARG A 254 3.33 -2.69 6.60
C ARG A 254 2.36 -3.73 7.15
N LEU A 255 1.09 -3.54 6.83
CA LEU A 255 0.05 -4.47 7.24
C LEU A 255 -0.90 -4.76 6.09
N ASN A 256 -1.02 -6.03 5.73
CA ASN A 256 -2.03 -6.46 4.79
C ASN A 256 -3.12 -7.18 5.54
N VAL A 257 -4.36 -6.80 5.25
CA VAL A 257 -5.52 -7.42 5.88
C VAL A 257 -6.39 -8.09 4.82
N GLU A 258 -6.79 -9.34 5.09
CA GLU A 258 -7.92 -9.96 4.38
C GLU A 258 -8.97 -10.35 5.41
N ALA A 259 -10.16 -9.78 5.27
CA ALA A 259 -11.20 -9.89 6.30
C ALA A 259 -12.54 -10.35 5.72
N ASP A 260 -13.59 -10.24 6.54
CA ASP A 260 -14.95 -10.64 6.18
C ASP A 260 -15.42 -10.09 4.84
N SER A 261 -16.10 -10.94 4.07
CA SER A 261 -16.49 -10.59 2.70
C SER A 261 -17.78 -11.32 2.27
N LEU A 262 -18.81 -10.55 1.94
CA LEU A 262 -20.09 -11.12 1.51
C LEU A 262 -20.12 -11.29 -0.02
N ASN A 263 -19.30 -12.22 -0.50
CA ASN A 263 -19.11 -12.45 -1.93
C ASN A 263 -20.41 -12.75 -2.63
N SER A 264 -20.56 -12.21 -3.84
CA SER A 264 -21.79 -12.36 -4.63
C SER A 264 -21.65 -13.35 -5.78
N ALA A 265 -22.76 -13.95 -6.16
CA ALA A 265 -22.87 -14.67 -7.43
C ALA A 265 -24.05 -14.02 -8.14
N ILE A 266 -23.87 -13.68 -9.43
CA ILE A 266 -24.93 -12.99 -10.19
C ILE A 266 -25.36 -13.80 -11.38
N LEU A 267 -26.65 -14.16 -11.41
CA LEU A 267 -27.23 -14.84 -12.55
C LEU A 267 -27.70 -13.81 -13.56
N CYS A 268 -27.12 -13.83 -14.76
CA CYS A 268 -27.46 -12.83 -15.77
C CYS A 268 -28.86 -13.05 -16.36
N ALA A 269 -29.50 -11.94 -16.75
CA ALA A 269 -30.84 -11.95 -17.36
C ALA A 269 -31.05 -13.03 -18.42
N ASP A 270 -30.02 -13.29 -19.21
CA ASP A 270 -30.08 -14.24 -20.30
C ASP A 270 -30.01 -15.70 -19.86
N ALA A 271 -29.56 -15.93 -18.63
CA ALA A 271 -29.33 -17.28 -18.11
C ALA A 271 -30.60 -17.89 -17.53
N THR A 272 -31.59 -18.10 -18.39
CA THR A 272 -32.88 -18.67 -18.00
C THR A 272 -32.78 -20.19 -17.80
N PRO A 273 -33.74 -20.80 -17.08
CA PRO A 273 -33.68 -22.24 -16.75
C PRO A 273 -33.42 -23.20 -17.91
N ASP A 274 -33.78 -22.80 -19.12
CA ASP A 274 -33.60 -23.65 -20.30
C ASP A 274 -32.23 -23.47 -20.96
N THR A 275 -31.36 -22.70 -20.32
CA THR A 275 -30.03 -22.42 -20.87
C THR A 275 -28.92 -23.10 -20.05
N PRO A 276 -27.84 -23.54 -20.72
CA PRO A 276 -26.72 -24.23 -20.05
C PRO A 276 -26.08 -23.42 -18.92
N ALA A 277 -26.08 -22.08 -19.02
CA ALA A 277 -25.50 -21.22 -17.97
C ALA A 277 -26.25 -21.34 -16.63
N PHE A 278 -27.54 -21.65 -16.69
CA PHE A 278 -28.37 -21.75 -15.49
C PHE A 278 -27.84 -22.84 -14.54
N ASP A 279 -27.60 -24.03 -15.08
CA ASP A 279 -27.06 -25.12 -14.28
C ASP A 279 -25.66 -24.85 -13.73
N LEU A 280 -24.82 -24.16 -14.53
CA LEU A 280 -23.48 -23.77 -14.04
C LEU A 280 -23.57 -22.91 -12.77
N PHE A 281 -24.54 -22.00 -12.75
CA PHE A 281 -24.83 -21.13 -11.58
C PHE A 281 -25.29 -21.95 -10.37
N ILE A 282 -26.26 -22.85 -10.58
CA ILE A 282 -26.74 -23.73 -9.51
C ILE A 282 -25.58 -24.56 -8.90
N LYS A 283 -24.83 -25.23 -9.76
CA LYS A 283 -23.68 -26.04 -9.37
C LYS A 283 -22.65 -25.24 -8.57
N GLU A 284 -22.31 -24.04 -9.06
CA GLU A 284 -21.29 -23.21 -8.38
C GLU A 284 -21.73 -22.71 -7.00
N VAL A 285 -22.99 -22.30 -6.90
CA VAL A 285 -23.52 -21.86 -5.63
C VAL A 285 -23.43 -23.00 -4.60
N VAL A 286 -23.87 -24.19 -5.01
CA VAL A 286 -23.84 -25.36 -4.13
C VAL A 286 -22.40 -25.74 -3.72
N ARG A 287 -21.48 -25.71 -4.70
CA ARG A 287 -20.07 -26.01 -4.43
C ARG A 287 -19.50 -25.06 -3.37
N GLU A 288 -19.76 -23.77 -3.55
CA GLU A 288 -19.20 -22.76 -2.65
C GLU A 288 -19.81 -22.83 -1.26
N MET A 289 -21.08 -23.23 -1.15
CA MET A 289 -21.69 -23.38 0.18
C MET A 289 -21.15 -24.58 0.94
N THR A 290 -20.68 -25.59 0.23
CA THR A 290 -20.43 -26.90 0.85
C THR A 290 -18.95 -27.26 1.00
N VAL A 291 -18.12 -26.82 0.05
CA VAL A 291 -16.67 -27.02 0.17
C VAL A 291 -16.20 -26.48 1.53
N LYS A 292 -15.56 -27.35 2.31
CA LYS A 292 -15.06 -27.00 3.66
C LYS A 292 -16.18 -26.48 4.54
N SER A 293 -17.40 -26.94 4.26
CA SER A 293 -18.58 -26.45 4.97
C SER A 293 -18.73 -24.94 4.90
N GLY A 294 -18.36 -24.35 3.76
CA GLY A 294 -18.51 -22.92 3.52
C GLY A 294 -17.44 -22.04 4.17
N GLN A 295 -16.42 -22.68 4.74
CA GLN A 295 -15.35 -21.98 5.47
C GLN A 295 -14.23 -21.52 4.56
N LYS A 296 -14.61 -20.87 3.47
CA LYS A 296 -13.64 -20.12 2.65
C LYS A 296 -14.00 -18.64 2.72
N CYS A 297 -12.98 -17.79 2.91
CA CYS A 297 -13.16 -16.33 2.86
C CYS A 297 -13.85 -15.89 1.56
N THR A 298 -13.62 -16.67 0.49
CA THR A 298 -14.14 -16.37 -0.84
C THR A 298 -15.52 -16.96 -1.18
N ALA A 299 -16.12 -17.71 -0.25
CA ALA A 299 -17.36 -18.41 -0.57
C ALA A 299 -18.50 -17.44 -0.95
N ILE A 300 -19.35 -17.88 -1.87
CA ILE A 300 -20.57 -17.14 -2.23
C ILE A 300 -21.48 -17.05 -1.00
N ARG A 301 -21.84 -15.83 -0.60
CA ARG A 301 -22.76 -15.59 0.52
C ARG A 301 -24.09 -14.99 0.06
N ARG A 302 -24.07 -14.32 -1.10
CA ARG A 302 -25.24 -13.61 -1.62
C ARG A 302 -25.40 -13.97 -3.08
N ALA A 303 -26.56 -14.50 -3.44
CA ALA A 303 -26.79 -14.94 -4.83
C ALA A 303 -27.94 -14.13 -5.38
N PHE A 304 -27.66 -13.37 -6.43
CA PHE A 304 -28.64 -12.46 -7.00
C PHE A 304 -29.12 -12.95 -8.36
N VAL A 305 -30.44 -13.09 -8.48
CA VAL A 305 -31.05 -13.73 -9.66
C VAL A 305 -32.21 -12.88 -10.17
N PRO A 306 -32.52 -12.95 -11.48
CA PRO A 306 -33.67 -12.17 -11.97
C PRO A 306 -34.96 -12.61 -11.27
N GLU A 307 -35.86 -11.65 -11.05
CA GLU A 307 -37.14 -11.90 -10.37
C GLU A 307 -37.85 -13.12 -10.94
N ALA A 308 -37.79 -13.25 -12.28
CA ALA A 308 -38.44 -14.32 -13.03
C ALA A 308 -37.79 -15.69 -12.83
N ALA A 309 -36.53 -15.68 -12.39
CA ALA A 309 -35.74 -16.91 -12.21
C ALA A 309 -35.76 -17.41 -10.78
N LEU A 310 -36.31 -16.62 -9.86
CA LEU A 310 -36.20 -16.90 -8.43
C LEU A 310 -36.71 -18.27 -8.02
N GLU A 311 -37.96 -18.60 -8.38
CA GLU A 311 -38.53 -19.90 -8.01
C GLU A 311 -37.81 -21.10 -8.62
N PRO A 312 -37.57 -21.11 -9.96
CA PRO A 312 -36.71 -22.16 -10.52
C PRO A 312 -35.33 -22.24 -9.85
N VAL A 313 -34.77 -21.10 -9.43
CA VAL A 313 -33.47 -21.10 -8.74
C VAL A 313 -33.57 -21.79 -7.39
N LEU A 314 -34.49 -21.35 -6.54
CA LEU A 314 -34.72 -21.98 -5.24
C LEU A 314 -34.96 -23.48 -5.37
N GLU A 315 -35.80 -23.88 -6.32
CA GLU A 315 -36.10 -25.31 -6.48
C GLU A 315 -34.89 -26.12 -6.93
N ALA A 316 -34.10 -25.57 -7.85
CA ALA A 316 -32.90 -26.24 -8.32
C ALA A 316 -31.85 -26.34 -7.22
N LEU A 317 -31.66 -25.26 -6.45
CA LEU A 317 -30.72 -25.29 -5.32
C LEU A 317 -31.13 -26.34 -4.28
N LYS A 318 -32.43 -26.35 -3.93
CA LYS A 318 -32.97 -27.36 -3.02
C LYS A 318 -32.67 -28.79 -3.49
N ALA A 319 -32.91 -29.06 -4.77
CA ALA A 319 -32.65 -30.39 -5.34
C ALA A 319 -31.17 -30.78 -5.29
N LYS A 320 -30.29 -29.83 -5.57
CA LYS A 320 -28.86 -30.12 -5.55
C LYS A 320 -28.32 -30.28 -4.13
N LEU A 321 -28.79 -29.41 -3.23
CA LEU A 321 -28.31 -29.42 -1.84
C LEU A 321 -28.73 -30.71 -1.13
N ALA A 322 -29.85 -31.26 -1.57
CA ALA A 322 -30.38 -32.50 -1.05
C ALA A 322 -29.42 -33.66 -1.26
N LYS A 323 -28.56 -33.55 -2.27
CA LYS A 323 -27.58 -34.60 -2.57
C LYS A 323 -26.35 -34.56 -1.64
N ILE A 324 -26.18 -33.43 -0.95
CA ILE A 324 -24.99 -33.21 -0.10
C ILE A 324 -25.13 -33.97 1.23
N THR A 325 -24.45 -35.11 1.30
CA THR A 325 -24.41 -35.91 2.53
C THR A 325 -23.39 -35.32 3.49
N VAL A 326 -23.72 -35.37 4.79
CA VAL A 326 -22.94 -34.72 5.85
C VAL A 326 -22.56 -35.72 6.97
N GLY A 327 -21.31 -35.67 7.42
CA GLY A 327 -20.88 -36.53 8.52
C GLY A 327 -19.38 -36.71 8.57
N ASN A 328 -18.96 -37.91 8.97
CA ASN A 328 -17.55 -38.24 9.14
C ASN A 328 -16.83 -38.31 7.78
N PRO A 329 -15.77 -37.48 7.60
CA PRO A 329 -15.05 -37.45 6.32
C PRO A 329 -14.32 -38.75 6.01
N ARG A 330 -14.15 -39.60 7.03
CA ARG A 330 -13.54 -40.91 6.83
C ARG A 330 -14.43 -41.83 5.98
N ASN A 331 -15.73 -41.53 5.94
CA ASN A 331 -16.66 -42.29 5.13
C ASN A 331 -16.72 -41.74 3.72
N ASP A 332 -16.44 -42.59 2.75
CA ASP A 332 -16.36 -42.18 1.34
C ASP A 332 -17.69 -41.69 0.73
N ALA A 333 -18.81 -42.03 1.37
CA ALA A 333 -20.14 -41.55 0.95
C ALA A 333 -20.43 -40.09 1.36
N VAL A 334 -19.65 -39.55 2.30
CA VAL A 334 -19.86 -38.19 2.80
C VAL A 334 -19.32 -37.12 1.83
N ARG A 335 -20.17 -36.16 1.47
CA ARG A 335 -19.81 -35.06 0.57
C ARG A 335 -19.33 -33.81 1.30
N MET A 336 -19.72 -33.68 2.56
CA MET A 336 -19.34 -32.50 3.34
C MET A 336 -19.11 -32.90 4.78
N GLY A 337 -17.95 -32.48 5.31
CA GLY A 337 -17.54 -32.85 6.66
C GLY A 337 -18.07 -31.89 7.72
N SER A 338 -17.20 -31.56 8.68
CA SER A 338 -17.55 -30.69 9.81
C SER A 338 -16.95 -29.29 9.65
N LEU A 339 -17.45 -28.33 10.43
CA LEU A 339 -16.71 -27.08 10.67
C LEU A 339 -15.43 -27.42 11.45
N VAL A 340 -14.56 -26.43 11.67
CA VAL A 340 -13.27 -26.72 12.30
C VAL A 340 -13.37 -27.00 13.80
N SER A 341 -14.48 -26.61 14.44
CA SER A 341 -14.57 -26.75 15.90
C SER A 341 -16.00 -26.67 16.40
N ARG A 342 -16.24 -27.20 17.60
CA ARG A 342 -17.54 -27.06 18.24
C ARG A 342 -17.86 -25.57 18.50
N GLU A 343 -16.84 -24.77 18.83
CA GLU A 343 -17.03 -23.32 19.03
C GLU A 343 -17.58 -22.66 17.76
N GLN A 344 -16.98 -23.01 16.62
CA GLN A 344 -17.45 -22.51 15.34
C GLN A 344 -18.86 -23.00 15.00
N TYR A 345 -19.18 -24.22 15.40
CA TYR A 345 -20.53 -24.79 15.27
C TYR A 345 -21.55 -23.86 15.97
N GLU A 346 -21.27 -23.54 17.23
CA GLU A 346 -22.14 -22.59 17.96
C GLU A 346 -22.22 -21.19 17.30
N ASN A 347 -21.07 -20.67 16.85
CA ASN A 347 -21.03 -19.39 16.15
C ASN A 347 -21.89 -19.35 14.88
N VAL A 348 -21.77 -20.39 14.07
CA VAL A 348 -22.55 -20.54 12.85
C VAL A 348 -24.07 -20.66 13.14
N LEU A 349 -24.42 -21.48 14.12
CA LEU A 349 -25.83 -21.62 14.52
C LEU A 349 -26.44 -20.28 14.97
N ALA A 350 -25.66 -19.52 15.74
CA ALA A 350 -26.04 -18.16 16.15
C ALA A 350 -26.25 -17.28 14.91
N GLY A 351 -25.29 -17.35 13.99
CA GLY A 351 -25.35 -16.61 12.74
C GLY A 351 -26.60 -16.94 11.94
N ILE A 352 -26.89 -18.24 11.84
CA ILE A 352 -28.08 -18.73 11.15
C ILE A 352 -29.35 -18.14 11.79
N ALA A 353 -29.42 -18.19 13.12
CA ALA A 353 -30.54 -17.64 13.91
C ALA A 353 -30.72 -16.14 13.67
N ALA A 354 -29.60 -15.42 13.60
CA ALA A 354 -29.60 -13.97 13.33
C ALA A 354 -30.19 -13.65 11.96
N LEU A 355 -29.70 -14.32 10.92
CA LEU A 355 -30.18 -14.08 9.56
C LEU A 355 -31.68 -14.36 9.43
N ARG A 356 -32.13 -15.40 10.13
CA ARG A 356 -33.50 -15.86 10.09
C ARG A 356 -34.49 -14.80 10.60
N GLU A 357 -34.00 -13.89 11.44
CA GLU A 357 -34.81 -12.76 11.92
C GLU A 357 -35.32 -11.89 10.77
N GLU A 358 -34.60 -11.89 9.65
CA GLU A 358 -34.92 -11.03 8.52
C GLU A 358 -35.01 -11.75 7.16
N ALA A 359 -35.01 -13.07 7.19
CA ALA A 359 -34.99 -13.87 5.96
C ALA A 359 -35.76 -15.17 6.15
N VAL A 360 -36.27 -15.71 5.05
CA VAL A 360 -36.99 -16.97 5.08
C VAL A 360 -36.02 -18.12 4.78
N LEU A 361 -36.10 -19.18 5.60
CA LEU A 361 -35.27 -20.36 5.41
C LEU A 361 -35.89 -21.29 4.37
N ALA A 362 -35.27 -21.34 3.20
CA ALA A 362 -35.78 -22.10 2.06
C ALA A 362 -35.35 -23.56 2.10
N TYR A 363 -34.18 -23.81 2.69
CA TYR A 363 -33.63 -25.15 2.76
C TYR A 363 -32.78 -25.29 4.03
N ASP A 364 -32.94 -26.42 4.71
CA ASP A 364 -32.25 -26.71 5.99
C ASP A 364 -32.29 -28.23 6.19
N SER A 365 -31.16 -28.91 5.99
CA SER A 365 -31.13 -30.37 6.14
C SER A 365 -30.56 -30.82 7.51
N SER A 366 -30.75 -29.97 8.52
CA SER A 366 -30.24 -30.22 9.88
C SER A 366 -30.71 -31.54 10.49
N ALA A 367 -31.93 -31.97 10.14
CA ALA A 367 -32.53 -33.17 10.71
C ALA A 367 -32.13 -34.47 9.99
N VAL A 368 -31.43 -34.34 8.86
CA VAL A 368 -30.97 -35.52 8.11
C VAL A 368 -29.85 -36.18 8.95
N PRO A 369 -30.04 -37.46 9.35
CA PRO A 369 -29.04 -38.11 10.20
C PRO A 369 -27.61 -38.01 9.66
N LEU A 370 -26.69 -37.65 10.55
CA LEU A 370 -25.28 -37.61 10.18
C LEU A 370 -24.77 -39.01 9.86
N ILE A 371 -23.74 -39.07 9.01
CA ILE A 371 -23.08 -40.33 8.66
C ILE A 371 -21.86 -40.53 9.55
N ASP A 372 -21.89 -41.62 10.34
CA ASP A 372 -20.77 -42.01 11.24
C ASP A 372 -20.29 -40.88 12.15
N ALA A 373 -21.23 -40.08 12.65
CA ALA A 373 -20.92 -38.97 13.53
C ALA A 373 -22.09 -38.74 14.47
N ASP A 374 -21.77 -38.30 15.69
CA ASP A 374 -22.74 -37.99 16.76
C ASP A 374 -23.01 -36.50 16.80
N ALA A 375 -24.25 -36.11 16.50
CA ALA A 375 -24.64 -34.69 16.43
C ALA A 375 -24.29 -33.89 17.69
N ASN A 376 -24.24 -34.56 18.84
CA ASN A 376 -23.92 -33.92 20.13
C ASN A 376 -22.43 -33.73 20.37
N ILE A 377 -21.61 -34.40 19.56
CA ILE A 377 -20.15 -34.32 19.63
C ILE A 377 -19.61 -33.50 18.46
N ALA A 378 -20.02 -33.89 17.26
CA ALA A 378 -19.48 -33.32 16.02
C ALA A 378 -19.88 -31.85 15.80
N ALA A 379 -19.07 -31.16 15.01
CA ALA A 379 -19.35 -29.79 14.60
C ALA A 379 -19.89 -29.74 13.17
N CYS A 380 -20.76 -30.68 12.84
CA CYS A 380 -21.42 -30.72 11.54
C CYS A 380 -22.63 -29.79 11.49
N VAL A 381 -22.55 -28.81 10.61
CA VAL A 381 -23.70 -27.97 10.29
C VAL A 381 -24.15 -28.34 8.88
N ALA A 382 -25.46 -28.53 8.71
CA ALA A 382 -26.03 -28.85 7.40
C ALA A 382 -26.15 -27.60 6.53
N PRO A 383 -26.26 -27.75 5.20
CA PRO A 383 -26.50 -26.54 4.40
C PRO A 383 -27.79 -25.81 4.78
N HIS A 384 -27.71 -24.48 4.83
CA HIS A 384 -28.89 -23.61 5.03
C HIS A 384 -28.96 -22.59 3.91
N LEU A 385 -30.12 -22.50 3.29
CA LEU A 385 -30.33 -21.54 2.22
C LEU A 385 -31.46 -20.60 2.62
N PHE A 386 -31.17 -19.30 2.61
CA PHE A 386 -32.13 -18.25 2.93
C PHE A 386 -32.59 -17.54 1.65
N VAL A 387 -33.79 -16.96 1.72
CA VAL A 387 -34.33 -16.11 0.66
C VAL A 387 -34.69 -14.77 1.25
N VAL A 388 -34.19 -13.71 0.62
CA VAL A 388 -34.49 -12.34 1.03
C VAL A 388 -35.20 -11.70 -0.16
N ASN A 389 -36.51 -11.51 -0.02
CA ASN A 389 -37.35 -11.09 -1.16
C ASN A 389 -37.17 -9.65 -1.61
N ASP A 390 -36.77 -8.80 -0.66
CA ASP A 390 -36.61 -7.38 -0.90
C ASP A 390 -35.19 -6.98 -0.49
N PRO A 391 -34.19 -7.30 -1.34
CA PRO A 391 -32.80 -6.97 -1.00
C PRO A 391 -32.45 -5.49 -0.85
N ASP A 392 -33.27 -4.59 -1.41
CA ASP A 392 -33.06 -3.15 -1.24
C ASP A 392 -33.20 -2.67 0.20
N ASN A 393 -34.24 -3.14 0.90
CA ASN A 393 -34.49 -2.73 2.26
C ASN A 393 -33.98 -3.72 3.31
N ALA A 394 -33.32 -4.78 2.84
CA ALA A 394 -32.70 -5.76 3.71
C ALA A 394 -31.53 -5.14 4.47
N THR A 395 -31.48 -5.39 5.77
CA THR A 395 -30.36 -4.92 6.58
C THR A 395 -29.28 -6.00 6.61
N LEU A 396 -29.62 -7.12 7.24
CA LEU A 396 -28.67 -8.19 7.52
C LEU A 396 -28.03 -8.79 6.27
N LEU A 397 -28.80 -8.93 5.19
CA LEU A 397 -28.33 -9.55 3.93
C LEU A 397 -26.93 -9.08 3.52
N HIS A 398 -26.74 -7.76 3.50
CA HIS A 398 -25.51 -7.15 2.98
C HIS A 398 -24.44 -6.91 4.04
N ASP A 399 -24.74 -7.26 5.29
CA ASP A 399 -23.87 -6.90 6.43
C ASP A 399 -23.40 -8.06 7.30
N VAL A 400 -24.25 -9.07 7.48
CA VAL A 400 -23.97 -10.16 8.41
C VAL A 400 -23.45 -11.41 7.71
N GLU A 401 -22.22 -11.79 8.07
CA GLU A 401 -21.53 -12.92 7.47
C GLU A 401 -21.68 -14.14 8.39
N VAL A 402 -22.07 -15.28 7.79
CA VAL A 402 -22.04 -16.55 8.51
C VAL A 402 -20.96 -17.45 7.88
N PHE A 403 -19.95 -17.78 8.69
CA PHE A 403 -18.79 -18.53 8.20
C PHE A 403 -19.07 -20.05 8.23
N GLY A 404 -20.07 -20.43 7.46
CA GLY A 404 -20.52 -21.81 7.37
C GLY A 404 -21.23 -22.09 6.05
N PRO A 405 -21.92 -23.25 5.97
CA PRO A 405 -22.55 -23.71 4.71
C PRO A 405 -23.89 -22.99 4.48
N VAL A 406 -23.81 -21.67 4.34
CA VAL A 406 -24.98 -20.79 4.47
C VAL A 406 -24.88 -19.70 3.40
N ALA A 407 -25.93 -19.53 2.62
CA ALA A 407 -25.99 -18.41 1.69
C ALA A 407 -27.43 -17.92 1.60
N SER A 408 -27.60 -16.75 0.99
CA SER A 408 -28.92 -16.10 0.85
C SER A 408 -29.13 -15.76 -0.61
N VAL A 409 -30.31 -16.11 -1.14
CA VAL A 409 -30.71 -15.79 -2.51
C VAL A 409 -31.65 -14.59 -2.46
N ALA A 410 -31.49 -13.67 -3.43
CA ALA A 410 -32.38 -12.52 -3.55
C ALA A 410 -32.65 -12.19 -5.02
N PRO A 411 -33.88 -11.76 -5.32
CA PRO A 411 -34.20 -11.38 -6.70
C PRO A 411 -33.68 -9.97 -7.03
N TYR A 412 -33.24 -9.76 -8.26
CA TYR A 412 -33.03 -8.36 -8.69
C TYR A 412 -34.00 -7.97 -9.80
N ARG A 413 -34.23 -6.67 -9.93
CA ARG A 413 -35.02 -6.09 -11.02
C ARG A 413 -34.20 -5.93 -12.29
N VAL A 414 -34.50 -6.75 -13.29
CA VAL A 414 -33.84 -6.65 -14.59
C VAL A 414 -34.15 -5.28 -15.21
N THR A 415 -33.12 -4.68 -15.80
CA THR A 415 -33.27 -3.40 -16.50
C THR A 415 -33.56 -3.68 -17.96
N THR A 416 -34.64 -3.05 -18.43
CA THR A 416 -35.05 -3.17 -19.82
C THR A 416 -35.03 -1.78 -20.47
N ASP A 417 -33.82 -1.22 -20.56
CA ASP A 417 -33.53 0.09 -21.16
C ASP A 417 -32.03 0.19 -21.44
N THR A 418 -31.60 1.25 -22.13
CA THR A 418 -30.17 1.48 -22.36
C THR A 418 -29.82 2.97 -22.32
N LEU A 421 -26.78 -2.17 -18.62
CA LEU A 421 -26.79 -3.64 -18.61
C LEU A 421 -28.04 -4.17 -17.94
N PRO A 422 -28.59 -5.29 -18.45
CA PRO A 422 -29.72 -5.96 -17.79
C PRO A 422 -29.47 -6.17 -16.29
N GLU A 423 -28.21 -6.39 -15.91
CA GLU A 423 -27.82 -6.75 -14.53
C GLU A 423 -27.47 -5.56 -13.62
N ALA A 424 -27.77 -4.34 -14.08
CA ALA A 424 -27.48 -3.11 -13.34
C ALA A 424 -27.85 -3.16 -11.85
N HIS A 425 -29.07 -3.61 -11.54
CA HIS A 425 -29.54 -3.65 -10.15
C HIS A 425 -28.70 -4.63 -9.32
N ALA A 426 -28.39 -5.79 -9.90
CA ALA A 426 -27.50 -6.78 -9.28
C ALA A 426 -26.12 -6.22 -8.95
N VAL A 427 -25.58 -5.38 -9.84
CA VAL A 427 -24.28 -4.72 -9.59
C VAL A 427 -24.40 -3.80 -8.37
N ALA A 428 -25.48 -3.02 -8.33
CA ALA A 428 -25.74 -2.13 -7.19
C ALA A 428 -25.87 -2.93 -5.90
N LEU A 429 -26.55 -4.07 -5.98
CA LEU A 429 -26.74 -4.95 -4.83
C LEU A 429 -25.43 -5.58 -4.37
N ALA A 430 -24.61 -6.04 -5.30
CA ALA A 430 -23.27 -6.55 -4.96
C ALA A 430 -22.45 -5.49 -4.25
N ARG A 431 -22.49 -4.26 -4.76
CA ARG A 431 -21.80 -3.12 -4.18
C ARG A 431 -22.20 -2.82 -2.71
N ARG A 432 -23.45 -3.15 -2.36
CA ARG A 432 -23.96 -3.02 -0.99
C ARG A 432 -23.18 -3.85 0.05
N GLY A 433 -22.44 -4.86 -0.41
CA GLY A 433 -21.57 -5.60 0.50
C GLY A 433 -20.36 -4.81 0.98
N GLN A 434 -20.20 -3.58 0.49
CA GLN A 434 -19.18 -2.62 0.98
C GLN A 434 -17.73 -3.03 0.69
N GLY A 435 -17.54 -3.78 -0.40
CA GLY A 435 -16.22 -4.22 -0.85
C GLY A 435 -16.00 -5.69 -0.55
N SER A 436 -15.73 -6.48 -1.59
CA SER A 436 -15.61 -7.92 -1.45
C SER A 436 -14.38 -8.50 -2.16
N LEU A 437 -13.98 -9.69 -1.70
CA LEU A 437 -12.94 -10.48 -2.37
C LEU A 437 -13.32 -10.85 -3.80
N VAL A 438 -14.54 -11.36 -3.98
CA VAL A 438 -14.91 -11.90 -5.26
C VAL A 438 -16.40 -11.77 -5.55
N ALA A 439 -16.70 -11.48 -6.83
CA ALA A 439 -18.04 -11.72 -7.40
C ALA A 439 -17.95 -12.67 -8.60
N SER A 440 -18.86 -13.63 -8.69
CA SER A 440 -18.96 -14.45 -9.90
C SER A 440 -20.19 -14.02 -10.70
N ILE A 441 -20.11 -14.21 -12.02
CA ILE A 441 -21.18 -13.83 -12.95
C ILE A 441 -21.39 -14.95 -13.97
N TYR A 442 -22.65 -15.19 -14.31
CA TYR A 442 -23.08 -16.38 -15.05
C TYR A 442 -23.95 -16.01 -16.23
N SER A 443 -23.52 -16.40 -17.42
CA SER A 443 -24.21 -16.04 -18.68
C SER A 443 -23.89 -17.05 -19.77
N ASN A 444 -24.76 -17.14 -20.79
CA ASN A 444 -24.43 -17.87 -22.02
C ASN A 444 -23.59 -17.02 -22.98
N ASP A 445 -23.51 -15.72 -22.68
CA ASP A 445 -22.96 -14.70 -23.57
C ASP A 445 -21.62 -14.20 -23.03
N ASP A 446 -20.53 -14.77 -23.54
CA ASP A 446 -19.16 -14.43 -23.11
C ASP A 446 -18.83 -12.95 -23.22
N ALA A 447 -19.21 -12.33 -24.34
CA ALA A 447 -18.96 -10.91 -24.57
C ALA A 447 -19.61 -10.04 -23.50
N HIS A 448 -20.86 -10.36 -23.15
CA HIS A 448 -21.61 -9.62 -22.16
C HIS A 448 -20.90 -9.69 -20.80
N LEU A 449 -20.32 -10.85 -20.50
CA LEU A 449 -19.62 -11.05 -19.23
C LEU A 449 -18.43 -10.10 -19.07
N GLY A 450 -17.67 -9.89 -20.15
CA GLY A 450 -16.56 -8.93 -20.15
C GLY A 450 -17.00 -7.52 -19.77
N ARG A 451 -18.10 -7.07 -20.36
CA ARG A 451 -18.70 -5.77 -20.02
C ARG A 451 -19.19 -5.69 -18.58
N LEU A 452 -19.93 -6.71 -18.14
CA LEU A 452 -20.44 -6.75 -16.76
C LEU A 452 -19.29 -6.79 -15.74
N ALA A 453 -18.25 -7.55 -16.07
CA ALA A 453 -17.09 -7.67 -15.19
C ALA A 453 -16.49 -6.30 -14.86
N LEU A 454 -16.36 -5.45 -15.88
CA LEU A 454 -15.79 -4.11 -15.69
C LEU A 454 -16.66 -3.27 -14.76
N GLU A 455 -17.96 -3.54 -14.76
CA GLU A 455 -18.86 -2.83 -13.87
C GLU A 455 -18.67 -3.24 -12.40
N LEU A 456 -18.16 -4.44 -12.17
CA LEU A 456 -18.01 -4.95 -10.79
C LEU A 456 -16.61 -4.69 -10.21
N ALA A 457 -15.68 -4.31 -11.07
CA ALA A 457 -14.26 -4.29 -10.75
C ALA A 457 -13.87 -3.33 -9.59
N ASP A 458 -14.54 -2.18 -9.46
CA ASP A 458 -14.10 -1.25 -8.42
C ASP A 458 -14.51 -1.66 -6.99
N SER A 459 -15.34 -2.69 -6.88
CA SER A 459 -15.79 -3.11 -5.55
C SER A 459 -15.47 -4.57 -5.26
N HIS A 460 -14.81 -5.24 -6.21
CA HIS A 460 -14.41 -6.63 -6.04
C HIS A 460 -12.97 -6.84 -6.46
N GLY A 461 -12.19 -7.50 -5.60
CA GLY A 461 -10.77 -7.81 -5.91
C GLY A 461 -10.63 -8.76 -7.10
N ARG A 462 -11.64 -9.62 -7.26
CA ARG A 462 -11.68 -10.58 -8.37
C ARG A 462 -13.09 -10.71 -8.90
N VAL A 463 -13.22 -10.74 -10.22
CA VAL A 463 -14.50 -11.03 -10.88
C VAL A 463 -14.31 -12.29 -11.72
N HIS A 464 -15.17 -13.27 -11.49
CA HIS A 464 -14.97 -14.63 -11.99
C HIS A 464 -16.18 -15.01 -12.83
N ALA A 465 -15.98 -15.12 -14.15
CA ALA A 465 -17.11 -15.27 -15.09
C ALA A 465 -17.24 -16.71 -15.60
N ILE A 466 -18.41 -17.29 -15.35
CA ILE A 466 -18.66 -18.67 -15.72
C ILE A 466 -19.71 -18.74 -16.82
N SER A 467 -19.38 -19.48 -17.87
CA SER A 467 -20.20 -19.60 -19.07
C SER A 467 -19.98 -20.99 -19.70
N PRO A 468 -20.90 -21.43 -20.59
CA PRO A 468 -20.78 -22.75 -21.20
C PRO A 468 -19.42 -23.03 -21.82
N SER A 469 -18.81 -22.03 -22.48
CA SER A 469 -17.53 -22.21 -23.14
C SER A 469 -16.40 -22.60 -22.18
N VAL A 470 -16.57 -22.29 -20.89
CA VAL A 470 -15.54 -22.59 -19.90
C VAL A 470 -16.05 -23.51 -18.77
N GLN A 471 -17.16 -24.21 -19.04
CA GLN A 471 -17.69 -25.20 -18.10
C GLN A 471 -16.60 -26.17 -17.60
N HIS A 472 -15.69 -26.53 -18.49
CA HIS A 472 -14.64 -27.53 -18.26
C HIS A 472 -13.32 -26.95 -17.74
N SER A 473 -13.16 -25.63 -17.86
CA SER A 473 -11.86 -24.98 -17.63
C SER A 473 -11.87 -23.90 -16.55
N GLN A 474 -13.05 -23.35 -16.25
CA GLN A 474 -13.17 -22.32 -15.21
C GLN A 474 -12.70 -22.88 -13.88
N THR A 475 -11.92 -22.08 -13.16
CA THR A 475 -11.14 -22.58 -12.02
C THR A 475 -11.86 -22.50 -10.68
N GLY A 476 -13.13 -22.08 -10.69
CA GLY A 476 -13.96 -22.04 -9.47
C GLY A 476 -14.08 -20.66 -8.85
N HIS A 477 -15.31 -20.29 -8.46
CA HIS A 477 -15.58 -19.01 -7.79
C HIS A 477 -14.62 -18.77 -6.62
N GLY A 478 -14.53 -19.74 -5.73
CA GLY A 478 -13.81 -19.56 -4.49
C GLY A 478 -12.33 -19.92 -4.49
N ASN A 479 -11.89 -20.72 -5.47
CA ASN A 479 -10.48 -21.09 -5.60
C ASN A 479 -9.59 -19.95 -5.99
N VAL A 480 -8.51 -19.79 -5.25
CA VAL A 480 -7.59 -18.69 -5.44
C VAL A 480 -6.38 -19.15 -6.27
N MET A 481 -6.42 -18.80 -7.56
CA MET A 481 -5.32 -19.06 -8.48
C MET A 481 -4.20 -18.05 -8.18
N PRO A 482 -2.99 -18.57 -7.91
CA PRO A 482 -1.90 -17.68 -7.43
C PRO A 482 -1.42 -16.68 -8.48
N MET A 483 -1.70 -16.94 -9.77
CA MET A 483 -1.34 -15.96 -10.80
C MET A 483 -2.27 -14.74 -10.82
N SER A 484 -3.40 -14.87 -10.11
CA SER A 484 -4.38 -13.78 -9.97
C SER A 484 -4.35 -13.13 -8.58
N LEU A 485 -4.62 -11.84 -8.58
CA LEU A 485 -4.71 -11.07 -7.35
C LEU A 485 -5.77 -11.61 -6.40
N HIS A 486 -5.43 -11.60 -5.11
CA HIS A 486 -6.32 -12.02 -4.04
C HIS A 486 -6.41 -10.92 -2.97
N GLY A 487 -7.63 -10.52 -2.64
CA GLY A 487 -7.85 -9.38 -1.75
C GLY A 487 -9.04 -8.62 -2.28
N GLY A 488 -9.43 -7.57 -1.58
CA GLY A 488 -10.53 -6.76 -2.05
C GLY A 488 -10.57 -5.45 -1.32
N PRO A 489 -11.33 -4.48 -1.88
CA PRO A 489 -11.50 -3.16 -1.30
C PRO A 489 -12.47 -3.19 -0.10
N GLY A 490 -12.46 -2.12 0.68
CA GLY A 490 -13.45 -1.91 1.73
C GLY A 490 -13.48 -2.99 2.80
N ARG A 491 -14.65 -3.59 3.00
CA ARG A 491 -14.85 -4.61 4.04
C ARG A 491 -13.88 -5.79 3.93
N ALA A 492 -13.52 -6.16 2.69
CA ALA A 492 -12.62 -7.27 2.47
C ALA A 492 -11.17 -7.00 2.97
N GLY A 493 -10.89 -5.74 3.35
CA GLY A 493 -9.66 -5.37 4.05
C GLY A 493 -8.71 -4.43 3.31
N GLY A 494 -8.94 -4.22 2.01
CA GLY A 494 -8.10 -3.33 1.20
C GLY A 494 -6.72 -3.91 0.88
N GLY A 495 -6.59 -5.21 1.10
CA GLY A 495 -5.32 -5.91 0.96
C GLY A 495 -5.16 -6.41 -0.46
N GLU A 496 -3.92 -6.81 -0.78
CA GLU A 496 -3.59 -7.42 -2.05
C GLU A 496 -2.54 -8.48 -1.76
N GLU A 497 -2.81 -9.68 -2.25
CA GLU A 497 -1.89 -10.79 -2.16
C GLU A 497 -1.80 -11.46 -3.53
N LEU A 498 -0.78 -12.29 -3.70
CA LEU A 498 -0.64 -13.13 -4.90
C LEU A 498 -0.61 -12.28 -6.17
N GLY A 499 -1.30 -12.70 -7.24
CA GLY A 499 -1.15 -12.00 -8.52
C GLY A 499 0.24 -12.19 -9.13
N GLY A 500 0.81 -13.38 -8.95
CA GLY A 500 2.12 -13.71 -9.49
C GLY A 500 3.20 -12.80 -8.92
N LEU A 501 3.95 -12.15 -9.79
CA LEU A 501 5.04 -11.25 -9.36
C LEU A 501 4.54 -10.04 -8.56
N ARG A 502 3.24 -9.74 -8.64
CA ARG A 502 2.66 -8.61 -7.93
C ARG A 502 2.85 -8.77 -6.42
N ALA A 503 2.85 -10.02 -5.97
CA ALA A 503 3.02 -10.36 -4.56
C ALA A 503 4.37 -9.91 -3.97
N LEU A 504 5.36 -9.75 -4.85
CA LEU A 504 6.71 -9.41 -4.36
C LEU A 504 6.82 -7.97 -3.84
N ALA A 505 5.96 -7.08 -4.32
CA ALA A 505 6.01 -5.66 -3.94
C ALA A 505 5.93 -5.47 -2.44
N PHE A 506 5.08 -6.27 -1.81
CA PHE A 506 4.82 -6.18 -0.39
C PHE A 506 6.09 -6.38 0.44
N TYR A 507 7.01 -7.20 -0.10
CA TYR A 507 8.24 -7.62 0.61
C TYR A 507 9.49 -6.79 0.24
N HIS A 508 9.33 -5.86 -0.69
CA HIS A 508 10.45 -5.02 -1.18
C HIS A 508 10.22 -3.54 -0.89
N ARG A 509 11.30 -2.75 -0.91
CA ARG A 509 11.20 -1.30 -1.08
C ARG A 509 11.57 -0.96 -2.52
N ARG A 510 10.77 -0.09 -3.11
CA ARG A 510 11.02 0.44 -4.45
C ARG A 510 11.79 1.76 -4.35
N SER A 511 12.83 1.91 -5.16
CA SER A 511 13.62 3.13 -5.11
C SER A 511 13.98 3.56 -6.50
N ALA A 512 14.01 4.87 -6.72
CA ALA A 512 14.48 5.47 -7.98
C ALA A 512 15.99 5.73 -7.91
N ILE A 513 16.73 5.14 -8.84
CA ILE A 513 18.15 5.43 -8.94
C ILE A 513 18.32 6.38 -10.12
N GLN A 514 18.89 7.55 -9.85
CA GLN A 514 19.16 8.55 -10.90
C GLN A 514 20.67 8.70 -10.97
N ALA A 515 21.23 8.54 -12.17
CA ALA A 515 22.67 8.48 -12.34
C ALA A 515 23.08 8.65 -13.80
N ALA A 516 24.38 8.88 -13.99
CA ALA A 516 25.01 8.76 -15.29
C ALA A 516 24.47 7.50 -15.99
N SER A 517 24.15 7.63 -17.27
CA SER A 517 23.50 6.55 -18.00
C SER A 517 24.30 5.26 -18.04
N ALA A 518 25.63 5.36 -18.03
CA ALA A 518 26.50 4.17 -18.00
C ALA A 518 26.21 3.32 -16.77
N ALA A 519 26.16 4.00 -15.62
CA ALA A 519 25.86 3.40 -14.32
C ALA A 519 24.46 2.78 -14.30
N ILE A 520 23.53 3.42 -15.00
CA ILE A 520 22.17 2.91 -15.11
C ILE A 520 22.16 1.59 -15.90
N GLY A 521 22.75 1.60 -17.08
CA GLY A 521 22.78 0.42 -17.97
C GLY A 521 23.12 -0.91 -17.31
N THR A 522 24.18 -0.93 -16.51
CA THR A 522 24.62 -2.16 -15.84
C THR A 522 24.03 -2.33 -14.43
N LEU A 523 22.76 -1.91 -14.27
CA LEU A 523 22.06 -1.87 -12.97
C LEU A 523 22.65 -0.83 -12.01
N HIS B 1 -11.09 48.10 9.57
CA HIS B 1 -10.99 47.17 8.38
C HIS B 1 -9.83 46.18 8.54
N MET B 2 -10.04 44.98 7.98
CA MET B 2 -9.12 43.85 8.16
C MET B 2 -8.64 43.34 6.80
N THR B 3 -7.64 42.45 6.81
CA THR B 3 -7.16 41.82 5.57
C THR B 3 -8.20 40.85 5.00
N GLU B 4 -8.05 40.51 3.73
CA GLU B 4 -9.00 39.63 3.05
C GLU B 4 -9.17 38.27 3.73
N LEU B 5 -10.41 37.93 4.07
CA LEU B 5 -10.72 36.58 4.51
C LEU B 5 -10.95 35.68 3.28
N LEU B 6 -10.00 34.77 3.05
CA LEU B 6 -10.10 33.84 1.92
C LEU B 6 -11.25 32.85 2.07
N LYS B 7 -12.01 32.65 1.00
CA LYS B 7 -13.14 31.74 1.04
C LYS B 7 -12.71 30.29 0.73
N ASN B 8 -13.42 29.34 1.33
CA ASN B 8 -13.28 27.92 1.00
C ASN B 8 -14.13 27.59 -0.20
N HIS B 9 -13.76 26.54 -0.94
CA HIS B 9 -14.63 26.09 -1.99
C HIS B 9 -15.07 24.69 -1.70
N VAL B 10 -16.35 24.57 -1.33
CA VAL B 10 -16.91 23.32 -0.87
C VAL B 10 -18.32 23.16 -1.41
N ALA B 11 -18.67 21.92 -1.75
CA ALA B 11 -19.97 21.61 -2.32
C ALA B 11 -20.34 22.55 -3.51
N GLY B 12 -19.33 22.83 -4.33
CA GLY B 12 -19.49 23.64 -5.54
C GLY B 12 -19.76 25.11 -5.32
N GLN B 13 -19.49 25.59 -4.10
CA GLN B 13 -19.73 27.00 -3.73
C GLN B 13 -18.58 27.63 -2.96
N TRP B 14 -18.39 28.94 -3.12
CA TRP B 14 -17.47 29.70 -2.28
C TRP B 14 -18.19 30.09 -1.00
N ILE B 15 -17.64 29.62 0.12
CA ILE B 15 -18.18 29.83 1.46
C ILE B 15 -17.06 30.31 2.39
N ALA B 16 -17.28 31.46 3.02
CA ALA B 16 -16.38 31.92 4.10
C ALA B 16 -16.58 31.11 5.38
N GLY B 17 -15.48 30.82 6.04
CA GLY B 17 -15.52 30.38 7.44
C GLY B 17 -15.95 31.55 8.31
N THR B 18 -16.49 31.23 9.48
CA THR B 18 -16.99 32.26 10.39
C THR B 18 -15.88 32.71 11.36
N GLY B 19 -16.14 33.77 12.13
CA GLY B 19 -15.16 34.25 13.10
C GLY B 19 -14.08 35.12 12.49
N ALA B 20 -13.10 35.46 13.30
CA ALA B 20 -12.07 36.43 12.94
C ALA B 20 -11.00 35.80 12.03
N GLY B 21 -11.01 34.47 11.96
CA GLY B 21 -10.01 33.73 11.20
C GLY B 21 -8.58 33.80 11.75
N ILE B 22 -7.67 33.17 11.00
CA ILE B 22 -6.26 33.09 11.34
C ILE B 22 -5.51 33.92 10.32
N THR B 23 -4.68 34.83 10.80
CA THR B 23 -3.95 35.71 9.88
C THR B 23 -2.68 35.01 9.35
N LEU B 24 -2.46 35.14 8.05
CA LEU B 24 -1.18 34.78 7.42
C LEU B 24 -0.37 36.06 7.33
N THR B 25 0.93 35.92 7.55
CA THR B 25 1.81 37.08 7.56
C THR B 25 3.07 36.89 6.70
N ASP B 26 3.63 38.01 6.29
CA ASP B 26 4.91 38.06 5.57
C ASP B 26 6.06 37.77 6.54
N PRO B 27 6.80 36.67 6.29
CA PRO B 27 7.87 36.29 7.25
C PRO B 27 9.09 37.20 7.25
N VAL B 28 9.18 38.16 6.32
CA VAL B 28 10.29 39.12 6.28
C VAL B 28 9.87 40.45 6.92
N THR B 29 8.71 40.97 6.50
CA THR B 29 8.24 42.29 6.91
C THR B 29 7.27 42.25 8.10
N GLY B 30 6.65 41.10 8.36
CA GLY B 30 5.66 40.96 9.44
C GLY B 30 4.28 41.50 9.07
N VAL B 31 4.16 42.01 7.85
CA VAL B 31 2.87 42.54 7.37
C VAL B 31 1.77 41.49 7.36
N ALA B 32 0.55 41.86 7.79
CA ALA B 32 -0.60 40.97 7.71
C ALA B 32 -1.07 40.91 6.26
N LEU B 33 -1.27 39.70 5.73
CA LEU B 33 -1.52 39.50 4.28
C LEU B 33 -3.00 39.20 3.96
N VAL B 34 -3.49 38.09 4.53
CA VAL B 34 -4.84 37.58 4.34
C VAL B 34 -5.20 36.75 5.57
N ARG B 35 -6.45 36.30 5.63
CA ARG B 35 -6.91 35.43 6.70
C ARG B 35 -7.61 34.18 6.14
N VAL B 36 -7.58 33.09 6.91
CA VAL B 36 -8.33 31.88 6.61
C VAL B 36 -9.21 31.44 7.79
N SER B 37 -10.24 30.67 7.47
CA SER B 37 -11.12 30.08 8.46
C SER B 37 -11.95 28.97 7.83
N SER B 38 -12.09 27.85 8.55
CA SER B 38 -12.96 26.76 8.13
C SER B 38 -14.16 26.66 9.07
N GLU B 39 -14.25 27.60 10.02
CA GLU B 39 -15.27 27.54 11.07
C GLU B 39 -16.69 27.52 10.49
N GLY B 40 -17.48 26.53 10.90
CA GLY B 40 -18.88 26.46 10.49
C GLY B 40 -19.18 25.83 9.15
N LEU B 41 -18.16 25.33 8.46
CA LEU B 41 -18.44 24.63 7.19
C LEU B 41 -19.29 23.38 7.38
N ASP B 42 -20.13 23.09 6.38
CA ASP B 42 -20.87 21.84 6.31
C ASP B 42 -19.95 20.77 5.71
N LEU B 43 -19.16 20.12 6.56
CA LEU B 43 -18.21 19.11 6.09
C LEU B 43 -18.87 17.86 5.47
N ALA B 44 -20.04 17.44 5.99
CA ALA B 44 -20.77 16.32 5.42
C ALA B 44 -21.03 16.55 3.94
N ARG B 45 -21.59 17.72 3.60
CA ARG B 45 -21.90 18.03 2.20
C ARG B 45 -20.62 18.33 1.41
N ALA B 46 -19.61 18.91 2.06
CA ALA B 46 -18.35 19.16 1.35
C ALA B 46 -17.82 17.83 0.81
N PHE B 47 -17.84 16.79 1.66
CA PHE B 47 -17.35 15.46 1.27
C PHE B 47 -18.30 14.70 0.35
N SER B 48 -19.60 14.75 0.64
CA SER B 48 -20.60 14.06 -0.20
C SER B 48 -20.66 14.60 -1.62
N PHE B 49 -20.62 15.92 -1.77
CA PHE B 49 -20.71 16.54 -3.08
C PHE B 49 -19.49 16.17 -3.92
N ALA B 50 -18.30 16.26 -3.31
CA ALA B 50 -17.07 15.88 -4.00
C ALA B 50 -17.16 14.41 -4.42
N ARG B 51 -17.50 13.56 -3.46
CA ARG B 51 -17.50 12.10 -3.67
C ARG B 51 -18.51 11.68 -4.72
N GLU B 52 -19.72 12.23 -4.60
CA GLU B 52 -20.82 11.83 -5.48
C GLU B 52 -20.75 12.56 -6.82
N ASP B 53 -20.98 13.87 -6.81
CA ASP B 53 -21.00 14.66 -8.04
C ASP B 53 -19.63 14.81 -8.66
N GLY B 54 -18.62 15.12 -7.85
CA GLY B 54 -17.26 15.28 -8.38
C GLY B 54 -16.77 13.99 -9.00
N GLY B 55 -16.97 12.88 -8.27
CA GLY B 55 -16.51 11.56 -8.68
C GLY B 55 -17.23 11.09 -9.94
N ALA B 56 -18.56 11.20 -9.95
CA ALA B 56 -19.35 10.78 -11.12
C ALA B 56 -18.94 11.56 -12.37
N ALA B 57 -18.75 12.87 -12.22
CA ALA B 57 -18.41 13.76 -13.32
C ALA B 57 -17.04 13.40 -13.91
N LEU B 58 -16.07 13.18 -13.03
CA LEU B 58 -14.73 12.83 -13.50
C LEU B 58 -14.68 11.45 -14.18
N ARG B 59 -15.36 10.46 -13.57
CA ARG B 59 -15.40 9.10 -14.11
C ARG B 59 -16.14 9.01 -15.44
N ALA B 60 -17.02 9.98 -15.69
CA ALA B 60 -17.76 10.06 -16.96
C ALA B 60 -16.81 10.39 -18.10
N LEU B 61 -15.73 11.11 -17.77
CA LEU B 61 -14.69 11.41 -18.74
C LEU B 61 -13.71 10.22 -18.89
N THR B 62 -13.04 10.14 -20.04
CA THR B 62 -11.92 9.22 -20.23
C THR B 62 -10.64 9.79 -19.61
N TYR B 63 -9.62 8.95 -19.41
CA TYR B 63 -8.28 9.44 -19.03
C TYR B 63 -7.81 10.56 -19.95
N ALA B 64 -7.94 10.37 -21.26
CA ALA B 64 -7.45 11.37 -22.22
C ALA B 64 -8.16 12.70 -22.06
N GLN B 65 -9.49 12.65 -21.84
CA GLN B 65 -10.27 13.85 -21.65
C GLN B 65 -9.83 14.62 -20.40
N ARG B 66 -9.66 13.89 -19.30
CA ARG B 66 -9.14 14.47 -18.06
C ARG B 66 -7.74 15.07 -18.25
N ALA B 67 -6.88 14.39 -19.00
CA ALA B 67 -5.55 14.90 -19.29
C ALA B 67 -5.63 16.24 -20.05
N ALA B 68 -6.61 16.33 -20.96
CA ALA B 68 -6.84 17.56 -21.73
C ALA B 68 -7.19 18.72 -20.79
N ARG B 69 -8.02 18.44 -19.78
CA ARG B 69 -8.32 19.45 -18.76
C ARG B 69 -7.07 19.88 -17.97
N LEU B 70 -6.23 18.91 -17.58
CA LEU B 70 -4.94 19.24 -16.95
C LEU B 70 -4.10 20.17 -17.82
N ALA B 71 -4.07 19.91 -19.13
CA ALA B 71 -3.33 20.75 -20.07
C ALA B 71 -3.85 22.18 -20.11
N ASP B 72 -5.18 22.34 -19.99
CA ASP B 72 -5.79 23.67 -19.88
C ASP B 72 -5.41 24.38 -18.59
N ILE B 73 -5.36 23.63 -17.49
CA ILE B 73 -4.95 24.21 -16.20
C ILE B 73 -3.50 24.74 -16.28
N VAL B 74 -2.62 23.97 -16.91
CA VAL B 74 -1.22 24.37 -17.17
C VAL B 74 -1.19 25.75 -17.82
N LYS B 75 -1.97 25.91 -18.90
CA LYS B 75 -2.02 27.18 -19.65
C LYS B 75 -2.50 28.32 -18.75
N LEU B 76 -3.52 28.06 -17.95
CA LEU B 76 -4.06 29.02 -16.99
C LEU B 76 -3.04 29.48 -15.92
N LEU B 77 -2.46 28.50 -15.22
CA LEU B 77 -1.41 28.79 -14.25
C LEU B 77 -0.25 29.55 -14.90
N GLN B 78 0.13 29.17 -16.11
CA GLN B 78 1.23 29.83 -16.80
C GLN B 78 0.92 31.32 -16.99
N ALA B 79 -0.33 31.62 -17.36
CA ALA B 79 -0.74 33.00 -17.63
C ALA B 79 -0.77 33.88 -16.38
N LYS B 80 -0.90 33.25 -15.21
CA LYS B 80 -1.07 33.98 -13.96
C LYS B 80 0.17 33.89 -13.06
N ARG B 81 1.29 33.46 -13.63
CA ARG B 81 2.52 33.34 -12.83
C ARG B 81 2.88 34.64 -12.11
N GLY B 82 2.63 35.78 -12.75
CA GLY B 82 2.97 37.07 -12.14
C GLY B 82 2.28 37.26 -10.79
N ASP B 83 1.00 36.88 -10.73
CA ASP B 83 0.24 36.98 -9.48
C ASP B 83 0.85 36.04 -8.43
N TYR B 84 1.25 34.86 -8.88
CA TYR B 84 1.76 33.81 -7.98
C TYR B 84 3.11 34.17 -7.36
N TYR B 85 3.99 34.73 -8.19
CA TYR B 85 5.29 35.16 -7.70
C TYR B 85 5.15 36.24 -6.62
N ALA B 86 4.21 37.16 -6.79
CA ALA B 86 4.00 38.23 -5.83
C ALA B 86 3.51 37.67 -4.49
N ILE B 87 2.58 36.72 -4.57
CA ILE B 87 2.12 36.00 -3.37
C ILE B 87 3.26 35.24 -2.68
N ALA B 88 4.03 34.50 -3.47
CA ALA B 88 5.16 33.72 -2.91
C ALA B 88 6.16 34.61 -2.18
N THR B 89 6.52 35.74 -2.79
CA THR B 89 7.47 36.70 -2.20
C THR B 89 6.99 37.13 -0.83
N ALA B 90 5.70 37.49 -0.77
CA ALA B 90 5.11 38.06 0.43
C ALA B 90 4.86 37.00 1.50
N ASN B 91 4.20 35.90 1.13
CA ASN B 91 3.77 34.89 2.09
C ASN B 91 4.91 33.96 2.55
N SER B 92 5.82 33.67 1.63
CA SER B 92 6.89 32.71 1.93
C SER B 92 8.28 33.31 2.14
N GLY B 93 8.51 34.54 1.69
CA GLY B 93 9.82 35.18 1.89
C GLY B 93 10.96 34.55 1.10
N THR B 94 10.63 33.87 0.01
CA THR B 94 11.63 33.19 -0.85
C THR B 94 12.09 34.09 -2.00
N THR B 95 13.36 33.98 -2.36
CA THR B 95 13.88 34.62 -3.58
C THR B 95 13.10 34.13 -4.79
N ARG B 96 13.20 34.86 -5.90
CA ARG B 96 12.49 34.48 -7.13
C ARG B 96 12.87 33.06 -7.59
N ASN B 97 14.16 32.76 -7.61
CA ASN B 97 14.62 31.42 -7.99
C ASN B 97 14.06 30.34 -7.09
N ASP B 98 13.95 30.64 -5.79
CA ASP B 98 13.41 29.66 -4.85
C ASP B 98 11.89 29.51 -4.99
N SER B 99 11.18 30.63 -5.17
CA SER B 99 9.74 30.60 -5.47
C SER B 99 9.42 29.74 -6.70
N ALA B 100 10.34 29.80 -7.67
CA ALA B 100 10.19 29.10 -8.96
C ALA B 100 10.11 27.59 -8.77
N VAL B 101 10.80 27.08 -7.74
CA VAL B 101 10.76 25.66 -7.45
C VAL B 101 9.31 25.24 -7.16
N ASP B 102 8.62 26.05 -6.37
CA ASP B 102 7.23 25.80 -6.00
C ASP B 102 6.28 26.04 -7.17
N ILE B 103 6.38 27.22 -7.76
CA ILE B 103 5.43 27.67 -8.78
C ILE B 103 5.68 26.91 -10.10
N ASP B 104 6.88 27.12 -10.65
CA ASP B 104 7.23 26.48 -11.92
C ASP B 104 7.49 24.98 -11.77
N GLY B 105 7.98 24.56 -10.60
CA GLY B 105 8.03 23.12 -10.29
C GLY B 105 6.64 22.50 -10.33
N GLY B 106 5.67 23.21 -9.76
CA GLY B 106 4.28 22.78 -9.76
C GLY B 106 3.71 22.65 -11.17
N ILE B 107 3.86 23.72 -11.95
CA ILE B 107 3.36 23.72 -13.32
C ILE B 107 4.02 22.62 -14.19
N PHE B 108 5.33 22.49 -14.06
CA PHE B 108 6.08 21.45 -14.80
C PHE B 108 5.53 20.05 -14.50
N THR B 109 5.25 19.81 -13.21
CA THR B 109 4.78 18.50 -12.75
C THR B 109 3.38 18.24 -13.32
N LEU B 110 2.54 19.28 -13.32
CA LEU B 110 1.18 19.16 -13.83
C LEU B 110 1.21 18.87 -15.34
N SER B 111 2.05 19.61 -16.06
CA SER B 111 2.20 19.43 -17.51
C SER B 111 2.68 18.02 -17.87
N TYR B 112 3.64 17.52 -17.08
CA TYR B 112 4.15 16.17 -17.30
C TYR B 112 3.03 15.15 -17.21
N TYR B 113 2.19 15.27 -16.17
CA TYR B 113 1.02 14.38 -16.08
C TYR B 113 -0.04 14.60 -17.16
N ALA B 114 -0.19 15.83 -17.64
CA ALA B 114 -1.13 16.10 -18.72
C ALA B 114 -0.64 15.33 -19.96
N LYS B 115 0.67 15.37 -20.19
CA LYS B 115 1.25 14.73 -21.37
C LYS B 115 1.17 13.20 -21.25
N LEU B 116 1.58 12.68 -20.09
CA LEU B 116 1.50 11.26 -19.79
C LEU B 116 0.04 10.78 -19.87
N GLY B 117 -0.87 11.58 -19.32
CA GLY B 117 -2.30 11.25 -19.30
C GLY B 117 -2.92 11.06 -20.67
N ALA B 118 -2.49 11.87 -21.64
CA ALA B 118 -2.96 11.70 -23.02
C ALA B 118 -2.65 10.28 -23.50
N SER B 119 -1.50 9.75 -23.10
CA SER B 119 -1.07 8.39 -23.49
C SER B 119 -1.88 7.27 -22.79
N LEU B 120 -2.76 7.64 -21.87
CA LEU B 120 -3.61 6.64 -21.20
C LEU B 120 -4.87 6.32 -22.01
N GLY B 121 -5.19 7.19 -22.95
CA GLY B 121 -6.21 6.92 -23.96
C GLY B 121 -7.67 7.18 -23.64
N GLU B 122 -8.51 6.78 -24.59
CA GLU B 122 -9.94 7.07 -24.53
C GLU B 122 -10.73 5.92 -23.93
N VAL B 123 -10.46 5.65 -22.64
CA VAL B 123 -11.05 4.53 -21.92
C VAL B 123 -11.36 4.97 -20.49
N HIS B 124 -12.08 4.12 -19.75
CA HIS B 124 -12.48 4.40 -18.37
C HIS B 124 -11.85 3.42 -17.37
N ALA B 125 -11.05 2.50 -17.87
CA ALA B 125 -10.28 1.60 -17.02
C ALA B 125 -8.91 1.34 -17.65
N LEU B 126 -7.93 1.06 -16.80
CA LEU B 126 -6.57 0.78 -17.25
C LEU B 126 -6.23 -0.71 -17.22
N ARG B 127 -5.41 -1.12 -18.17
CA ARG B 127 -4.92 -2.50 -18.25
C ARG B 127 -3.67 -2.68 -17.37
N ASP B 128 -3.76 -3.61 -16.42
CA ASP B 128 -2.61 -3.94 -15.59
C ASP B 128 -1.93 -5.23 -16.06
N GLY B 129 -0.78 -5.11 -16.72
CA GLY B 129 -0.12 -6.28 -17.28
C GLY B 129 -0.96 -6.93 -18.38
N SER B 130 -0.71 -8.20 -18.64
CA SER B 130 -1.32 -8.90 -19.76
C SER B 130 -2.11 -10.13 -19.30
N ALA B 131 -2.91 -10.70 -20.20
CA ALA B 131 -3.68 -11.89 -19.92
C ALA B 131 -2.76 -13.05 -19.58
N GLU B 132 -3.24 -13.90 -18.68
CA GLU B 132 -2.55 -15.12 -18.30
C GLU B 132 -3.49 -16.29 -18.44
N SER B 133 -3.02 -17.35 -19.11
CA SER B 133 -3.84 -18.53 -19.31
C SER B 133 -4.04 -19.25 -17.98
N LEU B 134 -5.29 -19.63 -17.74
CA LEU B 134 -5.65 -20.40 -16.55
C LEU B 134 -6.11 -21.81 -16.93
N SER B 135 -5.89 -22.19 -18.19
CA SER B 135 -6.40 -23.44 -18.74
C SER B 135 -5.45 -23.98 -19.81
N LYS B 136 -5.36 -25.30 -19.90
CA LYS B 136 -4.50 -25.98 -20.88
C LYS B 136 -4.85 -25.62 -22.32
N ASP B 137 -6.15 -25.48 -22.59
CA ASP B 137 -6.67 -25.18 -23.92
C ASP B 137 -6.83 -23.68 -24.19
N ARG B 138 -6.40 -22.86 -23.23
CA ARG B 138 -6.48 -21.39 -23.31
C ARG B 138 -7.92 -20.82 -23.39
N SER B 139 -8.90 -21.62 -22.98
CA SER B 139 -10.30 -21.19 -23.03
C SER B 139 -10.67 -20.21 -21.92
N PHE B 140 -9.93 -20.30 -20.81
CA PHE B 140 -10.19 -19.53 -19.58
C PHE B 140 -8.91 -18.79 -19.22
N SER B 141 -9.02 -17.49 -18.98
CA SER B 141 -7.85 -16.64 -18.77
C SER B 141 -8.12 -15.54 -17.74
N ALA B 142 -7.04 -14.91 -17.27
CA ALA B 142 -7.14 -13.79 -16.34
C ALA B 142 -6.48 -12.53 -16.87
N GLN B 143 -7.17 -11.40 -16.67
CA GLN B 143 -6.67 -10.08 -17.00
C GLN B 143 -6.93 -9.15 -15.80
N HIS B 144 -5.87 -8.49 -15.32
CA HIS B 144 -6.04 -7.51 -14.26
C HIS B 144 -6.36 -6.14 -14.84
N VAL B 145 -7.19 -5.39 -14.11
CA VAL B 145 -7.50 -4.00 -14.46
C VAL B 145 -7.41 -3.07 -13.27
N LEU B 146 -7.26 -1.78 -13.57
CA LEU B 146 -7.35 -0.69 -12.59
C LEU B 146 -8.60 0.12 -12.87
N SER B 147 -9.39 0.34 -11.82
CA SER B 147 -10.61 1.15 -11.87
C SER B 147 -10.48 2.26 -10.84
N PRO B 148 -10.91 3.49 -11.18
CA PRO B 148 -10.82 4.59 -10.21
C PRO B 148 -11.60 4.23 -8.95
N THR B 149 -11.01 4.53 -7.79
CA THR B 149 -11.72 4.37 -6.51
C THR B 149 -12.89 5.35 -6.41
N ARG B 150 -14.05 4.87 -5.93
CA ARG B 150 -15.23 5.70 -5.79
C ARG B 150 -15.16 6.43 -4.46
N GLY B 151 -14.15 7.29 -4.35
CA GLY B 151 -13.98 8.09 -3.16
C GLY B 151 -13.50 9.49 -3.51
N VAL B 152 -13.02 10.17 -2.49
CA VAL B 152 -12.36 11.46 -2.63
C VAL B 152 -10.89 11.28 -2.26
N ALA B 153 -10.07 12.21 -2.73
CA ALA B 153 -8.65 12.36 -2.34
C ALA B 153 -8.50 13.59 -1.46
N LEU B 154 -8.14 13.37 -0.19
CA LEU B 154 -7.90 14.45 0.76
C LEU B 154 -6.41 14.69 0.91
N PHE B 155 -5.96 15.89 0.58
CA PHE B 155 -4.54 16.21 0.68
C PHE B 155 -4.31 17.12 1.87
N ILE B 156 -3.53 16.62 2.83
CA ILE B 156 -3.17 17.43 4.00
C ILE B 156 -1.71 17.80 3.74
N ASN B 157 -1.50 19.03 3.28
CA ASN B 157 -0.19 19.44 2.72
C ASN B 157 0.69 20.30 3.63
N ALA B 158 1.99 20.22 3.37
CA ALA B 158 3.03 20.87 4.17
C ALA B 158 3.19 22.34 3.78
N PHE B 159 3.78 23.13 4.69
CA PHE B 159 3.83 24.56 4.45
C PHE B 159 4.82 24.92 3.36
N ASN B 160 5.78 24.05 3.09
CA ASN B 160 6.90 24.46 2.24
C ASN B 160 6.58 24.63 0.75
N PHE B 161 5.64 23.86 0.25
CA PHE B 161 5.32 23.89 -1.17
C PHE B 161 3.82 24.04 -1.41
N PRO B 162 3.29 25.25 -1.14
CA PRO B 162 1.84 25.42 -1.35
C PRO B 162 1.38 25.12 -2.79
N SER B 163 2.24 25.40 -3.79
CA SER B 163 1.90 25.12 -5.19
C SER B 163 2.26 23.69 -5.58
N TRP B 164 3.53 23.34 -5.46
CA TRP B 164 3.96 22.00 -5.88
C TRP B 164 3.28 20.87 -5.09
N GLY B 165 3.03 21.08 -3.79
CA GLY B 165 2.35 20.04 -2.98
C GLY B 165 0.93 19.74 -3.49
N LEU B 166 0.25 20.79 -3.96
CA LEU B 166 -1.07 20.66 -4.53
C LEU B 166 -1.01 19.91 -5.85
N TRP B 167 -0.22 20.41 -6.81
CA TRP B 167 -0.22 19.86 -8.19
C TRP B 167 0.46 18.48 -8.33
N GLU B 168 1.49 18.24 -7.52
CA GLU B 168 2.19 16.96 -7.47
C GLU B 168 1.21 15.81 -7.14
N LYS B 169 0.21 16.15 -6.32
CA LYS B 169 -0.81 15.20 -5.83
C LYS B 169 -2.07 15.25 -6.71
N ALA B 170 -2.50 16.46 -7.04
CA ALA B 170 -3.76 16.66 -7.77
C ALA B 170 -3.66 16.13 -9.20
N ALA B 171 -2.46 16.19 -9.80
CA ALA B 171 -2.35 15.76 -11.19
C ALA B 171 -2.67 14.27 -11.33
N PRO B 172 -1.95 13.38 -10.62
CA PRO B 172 -2.38 11.98 -10.76
C PRO B 172 -3.78 11.68 -10.19
N ALA B 173 -4.21 12.41 -9.14
CA ALA B 173 -5.59 12.20 -8.62
C ALA B 173 -6.67 12.46 -9.68
N LEU B 174 -6.65 13.67 -10.25
CA LEU B 174 -7.62 14.07 -11.28
C LEU B 174 -7.47 13.23 -12.55
N LEU B 175 -6.24 12.91 -12.93
CA LEU B 175 -6.02 12.02 -14.07
C LEU B 175 -6.71 10.67 -13.87
N SER B 176 -6.61 10.15 -12.65
CA SER B 176 -7.25 8.90 -12.25
C SER B 176 -8.78 9.00 -12.06
N GLY B 177 -9.35 10.19 -12.16
CA GLY B 177 -10.81 10.36 -12.07
C GLY B 177 -11.30 10.48 -10.63
N VAL B 178 -10.39 10.87 -9.72
CA VAL B 178 -10.70 11.00 -8.29
C VAL B 178 -10.76 12.49 -7.87
N PRO B 179 -11.90 12.93 -7.28
CA PRO B 179 -12.08 14.32 -6.88
C PRO B 179 -11.18 14.67 -5.70
N VAL B 180 -10.71 15.92 -5.70
CA VAL B 180 -9.68 16.37 -4.78
C VAL B 180 -10.22 17.37 -3.76
N ILE B 181 -9.91 17.15 -2.48
CA ILE B 181 -10.15 18.16 -1.45
C ILE B 181 -8.78 18.48 -0.90
N VAL B 182 -8.32 19.71 -1.08
CA VAL B 182 -7.00 20.10 -0.58
C VAL B 182 -7.11 20.93 0.70
N LYS B 183 -6.24 20.60 1.65
CA LYS B 183 -6.14 21.32 2.89
C LYS B 183 -4.68 21.77 3.05
N PRO B 184 -4.35 22.95 2.53
CA PRO B 184 -2.97 23.43 2.62
C PRO B 184 -2.62 23.83 4.05
N ALA B 185 -1.34 23.76 4.42
CA ALA B 185 -0.91 24.28 5.72
C ALA B 185 -1.30 25.74 5.84
N THR B 186 -1.80 26.11 7.02
CA THR B 186 -2.35 27.46 7.20
C THR B 186 -1.35 28.59 6.88
N ALA B 187 -0.12 28.49 7.39
CA ALA B 187 0.82 29.62 7.33
C ALA B 187 1.04 30.14 5.90
N THR B 188 1.04 29.23 4.93
CA THR B 188 1.35 29.59 3.54
C THR B 188 0.22 29.20 2.58
N ALA B 189 -1.00 29.15 3.10
CA ALA B 189 -2.17 28.67 2.36
C ALA B 189 -2.57 29.56 1.18
N TRP B 190 -2.12 30.82 1.20
CA TRP B 190 -2.60 31.83 0.22
C TRP B 190 -2.40 31.41 -1.26
N LEU B 191 -1.20 30.98 -1.62
CA LEU B 191 -0.94 30.59 -3.01
C LEU B 191 -1.83 29.41 -3.44
N THR B 192 -1.92 28.41 -2.58
CA THR B 192 -2.78 27.26 -2.81
C THR B 192 -4.22 27.72 -3.10
N GLN B 193 -4.73 28.60 -2.25
CA GLN B 193 -6.12 29.03 -2.37
C GLN B 193 -6.33 29.83 -3.66
N ARG B 194 -5.35 30.67 -4.00
CA ARG B 194 -5.44 31.49 -5.22
C ARG B 194 -5.41 30.63 -6.48
N MET B 195 -4.52 29.64 -6.51
CA MET B 195 -4.46 28.72 -7.66
C MET B 195 -5.78 27.96 -7.85
N VAL B 196 -6.27 27.36 -6.76
CA VAL B 196 -7.55 26.66 -6.78
C VAL B 196 -8.66 27.61 -7.25
N ALA B 197 -8.69 28.84 -6.70
CA ALA B 197 -9.70 29.85 -7.08
C ALA B 197 -9.63 30.15 -8.57
N ASP B 198 -8.43 30.32 -9.09
CA ASP B 198 -8.28 30.60 -10.52
C ASP B 198 -8.81 29.43 -11.34
N VAL B 199 -8.47 28.22 -10.94
CA VAL B 199 -8.90 27.03 -11.69
C VAL B 199 -10.40 26.85 -11.61
N VAL B 200 -10.95 27.00 -10.40
CA VAL B 200 -12.38 26.88 -10.18
C VAL B 200 -13.14 27.95 -10.98
N ASP B 201 -12.66 29.20 -10.92
CA ASP B 201 -13.29 30.34 -11.62
C ASP B 201 -13.32 30.09 -13.13
N ALA B 202 -12.30 29.39 -13.65
CA ALA B 202 -12.18 29.10 -15.08
C ALA B 202 -13.17 28.03 -15.57
N GLY B 203 -13.69 27.24 -14.64
CA GLY B 203 -14.66 26.16 -14.98
C GLY B 203 -14.06 25.08 -15.87
N ILE B 204 -12.77 24.85 -15.74
CA ILE B 204 -12.08 23.81 -16.52
C ILE B 204 -12.53 22.41 -16.11
N LEU B 205 -12.68 22.22 -14.79
CA LEU B 205 -13.05 20.92 -14.22
C LEU B 205 -14.53 20.93 -13.84
N PRO B 206 -15.18 19.76 -13.84
CA PRO B 206 -16.59 19.77 -13.45
C PRO B 206 -16.77 20.18 -11.98
N PRO B 207 -17.96 20.69 -11.61
CA PRO B 207 -18.24 20.99 -10.21
C PRO B 207 -18.00 19.78 -9.28
N GLY B 208 -17.34 20.05 -8.17
CA GLY B 208 -17.03 18.98 -7.21
C GLY B 208 -15.71 18.27 -7.46
N ALA B 209 -15.07 18.53 -8.60
CA ALA B 209 -13.79 17.87 -8.86
C ALA B 209 -12.65 18.41 -7.98
N LEU B 210 -12.73 19.69 -7.62
CA LEU B 210 -11.65 20.32 -6.86
C LEU B 210 -12.24 21.21 -5.77
N SER B 211 -11.90 20.92 -4.52
CA SER B 211 -12.39 21.69 -3.39
C SER B 211 -11.20 22.10 -2.53
N ILE B 212 -11.38 23.17 -1.76
CA ILE B 212 -10.35 23.63 -0.84
C ILE B 212 -10.94 24.07 0.50
N ILE B 213 -10.27 23.65 1.57
CA ILE B 213 -10.59 24.09 2.93
C ILE B 213 -9.29 24.57 3.59
N CYS B 214 -9.32 25.80 4.13
CA CYS B 214 -8.22 26.37 4.88
C CYS B 214 -8.69 26.78 6.28
N GLY B 215 -7.79 26.67 7.25
CA GLY B 215 -8.11 26.86 8.67
C GLY B 215 -8.01 25.53 9.41
N SER B 216 -8.79 25.40 10.49
CA SER B 216 -8.76 24.21 11.32
C SER B 216 -9.08 22.94 10.52
N SER B 217 -8.37 21.87 10.85
CA SER B 217 -8.60 20.57 10.24
C SER B 217 -9.65 19.75 11.00
N ALA B 218 -10.18 20.30 12.09
CA ALA B 218 -11.14 19.54 12.91
C ALA B 218 -12.31 19.02 12.05
N GLY B 219 -12.65 17.75 12.21
CA GLY B 219 -13.79 17.18 11.51
C GLY B 219 -13.52 16.55 10.16
N LEU B 220 -12.36 16.82 9.56
CA LEU B 220 -12.07 16.34 8.20
C LEU B 220 -11.99 14.82 8.12
N LEU B 221 -11.13 14.23 8.96
CA LEU B 221 -11.00 12.77 8.95
C LEU B 221 -12.28 12.03 9.34
N ASP B 222 -13.11 12.65 10.20
CA ASP B 222 -14.42 12.07 10.54
C ASP B 222 -15.32 11.81 9.32
N GLN B 223 -15.05 12.53 8.23
CA GLN B 223 -15.82 12.43 6.98
C GLN B 223 -15.22 11.45 5.97
N ILE B 224 -14.00 10.99 6.26
CA ILE B 224 -13.31 10.04 5.39
C ILE B 224 -13.91 8.62 5.48
N ARG B 225 -14.15 7.98 4.33
CA ARG B 225 -14.78 6.67 4.24
C ARG B 225 -13.88 5.64 3.50
N SER B 226 -14.35 4.41 3.42
CA SER B 226 -13.49 3.25 3.08
C SER B 226 -12.87 3.26 1.68
N PHE B 227 -13.43 4.07 0.77
CA PHE B 227 -12.94 4.10 -0.61
C PHE B 227 -12.19 5.40 -0.90
N ASP B 228 -12.04 6.23 0.13
CA ASP B 228 -11.31 7.48 0.03
C ASP B 228 -9.82 7.26 0.20
N VAL B 229 -9.04 8.25 -0.20
CA VAL B 229 -7.60 8.18 0.02
C VAL B 229 -7.13 9.51 0.61
N VAL B 230 -6.14 9.43 1.49
CA VAL B 230 -5.58 10.60 2.14
C VAL B 230 -4.08 10.61 1.89
N SER B 231 -3.59 11.77 1.48
CA SER B 231 -2.15 11.98 1.28
C SER B 231 -1.68 13.09 2.20
N PHE B 232 -0.86 12.69 3.17
CA PHE B 232 -0.36 13.61 4.19
C PHE B 232 1.13 13.88 3.99
N THR B 233 1.51 15.14 4.11
CA THR B 233 2.93 15.54 4.10
C THR B 233 3.19 16.45 5.29
N GLY B 234 4.17 16.08 6.11
CA GLY B 234 4.56 16.89 7.25
C GLY B 234 5.37 16.09 8.25
N SER B 235 5.20 16.37 9.54
CA SER B 235 6.01 15.74 10.56
C SER B 235 5.63 14.29 10.85
N ALA B 236 6.61 13.48 11.19
CA ALA B 236 6.37 12.08 11.60
C ALA B 236 5.40 12.00 12.78
N ASP B 237 5.54 12.96 13.71
CA ASP B 237 4.66 13.01 14.87
C ASP B 237 3.18 13.20 14.48
N THR B 238 2.92 14.13 13.57
CA THR B 238 1.55 14.39 13.12
C THR B 238 1.04 13.16 12.37
N ALA B 239 1.91 12.55 11.55
CA ALA B 239 1.54 11.38 10.80
C ALA B 239 1.05 10.23 11.68
N ALA B 240 1.73 9.99 12.81
CA ALA B 240 1.33 8.94 13.74
C ALA B 240 -0.04 9.22 14.37
N THR B 241 -0.31 10.50 14.67
CA THR B 241 -1.61 10.91 15.18
C THR B 241 -2.70 10.60 14.17
N LEU B 242 -2.45 10.95 12.90
CA LEU B 242 -3.41 10.67 11.84
C LEU B 242 -3.71 9.17 11.70
N ARG B 243 -2.65 8.36 11.76
CA ARG B 243 -2.77 6.91 11.55
C ARG B 243 -3.69 6.23 12.58
N ALA B 244 -3.81 6.81 13.76
CA ALA B 244 -4.66 6.25 14.83
C ALA B 244 -6.15 6.50 14.59
N HIS B 245 -6.47 7.36 13.63
CA HIS B 245 -7.84 7.78 13.42
C HIS B 245 -8.72 6.63 12.88
N PRO B 246 -9.98 6.53 13.36
CA PRO B 246 -10.97 5.56 12.87
C PRO B 246 -11.10 5.50 11.34
N ALA B 247 -10.90 6.63 10.66
CA ALA B 247 -10.92 6.65 9.19
C ALA B 247 -10.01 5.56 8.62
N PHE B 248 -8.88 5.35 9.28
CA PHE B 248 -7.89 4.35 8.84
C PHE B 248 -7.97 3.02 9.60
N VAL B 249 -8.08 3.10 10.93
CA VAL B 249 -8.04 1.88 11.75
C VAL B 249 -9.30 1.04 11.64
N GLN B 250 -10.45 1.72 11.54
CA GLN B 250 -11.75 1.06 11.43
C GLN B 250 -12.27 0.97 10.00
N ARG B 251 -12.11 2.04 9.22
CA ARG B 251 -12.72 2.13 7.90
C ARG B 251 -11.76 1.77 6.77
N GLY B 252 -10.47 1.68 7.09
CA GLY B 252 -9.46 1.18 6.15
C GLY B 252 -9.17 2.09 4.96
N ALA B 253 -9.51 3.38 5.05
CA ALA B 253 -9.12 4.32 3.99
C ALA B 253 -7.61 4.28 3.76
N ARG B 254 -7.17 4.50 2.53
CA ARG B 254 -5.73 4.54 2.23
C ARG B 254 -5.09 5.81 2.75
N LEU B 255 -3.87 5.67 3.26
CA LEU B 255 -3.12 6.83 3.73
C LEU B 255 -1.69 6.76 3.25
N ASN B 256 -1.26 7.75 2.46
CA ASN B 256 0.14 7.92 2.16
C ASN B 256 0.74 9.00 3.04
N VAL B 257 1.96 8.75 3.52
CA VAL B 257 2.68 9.66 4.40
C VAL B 257 4.06 9.99 3.81
N GLU B 258 4.39 11.29 3.68
CA GLU B 258 5.79 11.74 3.56
C GLU B 258 6.13 12.58 4.78
N ALA B 259 7.17 12.16 5.49
CA ALA B 259 7.48 12.65 6.84
C ALA B 259 8.97 13.01 6.96
N ASP B 260 9.44 13.20 8.20
CA ASP B 260 10.82 13.56 8.52
C ASP B 260 11.85 12.71 7.78
N SER B 261 12.90 13.36 7.27
CA SER B 261 13.96 12.62 6.59
C SER B 261 15.34 13.26 6.75
N LEU B 262 16.29 12.54 7.35
CA LEU B 262 17.65 13.08 7.46
C LEU B 262 18.53 12.67 6.26
N ASN B 263 18.23 13.25 5.10
CA ASN B 263 18.84 12.84 3.83
C ASN B 263 20.35 12.99 3.90
N SER B 264 21.04 12.04 3.27
CA SER B 264 22.51 11.95 3.30
C SER B 264 23.11 12.35 1.96
N ALA B 265 24.33 12.89 2.02
CA ALA B 265 25.19 13.03 0.82
C ALA B 265 26.49 12.34 1.17
N ILE B 266 26.95 11.45 0.28
CA ILE B 266 28.16 10.66 0.53
C ILE B 266 29.23 11.01 -0.51
N LEU B 267 30.35 11.51 0.01
CA LEU B 267 31.52 11.80 -0.80
C LEU B 267 32.32 10.50 -0.92
N CYS B 268 32.46 10.01 -2.16
CA CYS B 268 33.14 8.73 -2.39
C CYS B 268 34.66 8.84 -2.15
N ALA B 269 35.27 7.70 -1.85
CA ALA B 269 36.70 7.67 -1.48
C ALA B 269 37.62 8.19 -2.57
N ASP B 270 37.19 8.02 -3.83
CA ASP B 270 37.94 8.50 -4.98
C ASP B 270 37.81 10.01 -5.20
N ALA B 271 36.81 10.64 -4.58
CA ALA B 271 36.52 12.05 -4.81
C ALA B 271 37.35 12.93 -3.85
N THR B 272 38.65 12.91 -4.08
CA THR B 272 39.61 13.67 -3.27
C THR B 272 39.63 15.13 -3.75
N PRO B 273 40.12 16.05 -2.87
CA PRO B 273 40.04 17.50 -3.14
C PRO B 273 40.54 17.96 -4.50
N ASP B 274 41.42 17.18 -5.12
CA ASP B 274 42.00 17.50 -6.44
C ASP B 274 41.16 17.07 -7.65
N THR B 275 40.03 16.40 -7.40
CA THR B 275 39.21 15.84 -8.48
C THR B 275 37.93 16.66 -8.69
N PRO B 276 37.37 16.65 -9.92
CA PRO B 276 36.13 17.36 -10.23
C PRO B 276 34.93 16.96 -9.35
N ALA B 277 34.82 15.68 -8.96
CA ALA B 277 33.68 15.22 -8.14
C ALA B 277 33.62 15.93 -6.79
N PHE B 278 34.79 16.25 -6.22
CA PHE B 278 34.86 16.99 -4.98
C PHE B 278 34.09 18.31 -5.05
N ASP B 279 34.37 19.12 -6.07
CA ASP B 279 33.71 20.41 -6.24
C ASP B 279 32.19 20.25 -6.38
N LEU B 280 31.76 19.21 -7.10
CA LEU B 280 30.33 18.92 -7.31
C LEU B 280 29.62 18.66 -5.97
N PHE B 281 30.30 17.94 -5.08
CA PHE B 281 29.81 17.64 -3.74
C PHE B 281 29.64 18.93 -2.94
N ILE B 282 30.68 19.76 -2.91
CA ILE B 282 30.60 21.02 -2.17
C ILE B 282 29.42 21.88 -2.66
N LYS B 283 29.30 21.98 -3.99
CA LYS B 283 28.25 22.78 -4.63
C LYS B 283 26.87 22.27 -4.23
N GLU B 284 26.70 20.95 -4.27
CA GLU B 284 25.38 20.34 -3.99
C GLU B 284 24.96 20.50 -2.52
N VAL B 285 25.92 20.33 -1.62
CA VAL B 285 25.65 20.51 -0.20
C VAL B 285 25.17 21.95 0.08
N VAL B 286 25.86 22.94 -0.46
CA VAL B 286 25.52 24.34 -0.24
C VAL B 286 24.13 24.67 -0.83
N ARG B 287 23.87 24.20 -2.05
CA ARG B 287 22.57 24.39 -2.72
C ARG B 287 21.42 23.87 -1.84
N GLU B 288 21.57 22.66 -1.33
CA GLU B 288 20.50 22.00 -0.58
C GLU B 288 20.30 22.65 0.78
N MET B 289 21.40 23.17 1.33
CA MET B 289 21.30 23.88 2.60
C MET B 289 20.55 25.20 2.48
N THR B 290 20.61 25.81 1.30
CA THR B 290 20.22 27.22 1.15
C THR B 290 18.94 27.47 0.36
N VAL B 291 18.65 26.61 -0.62
CA VAL B 291 17.41 26.71 -1.40
C VAL B 291 16.22 26.66 -0.40
N LYS B 292 15.38 27.70 -0.46
CA LYS B 292 14.22 27.85 0.48
C LYS B 292 14.70 27.81 1.95
N SER B 293 15.93 28.22 2.16
CA SER B 293 16.52 28.21 3.52
C SER B 293 16.49 26.81 4.10
N GLY B 294 16.72 25.82 3.22
CA GLY B 294 16.80 24.41 3.61
C GLY B 294 15.44 23.75 3.91
N GLN B 295 14.36 24.48 3.63
CA GLN B 295 13.01 23.99 3.91
C GLN B 295 12.45 23.08 2.81
N LYS B 296 13.26 22.15 2.33
CA LYS B 296 12.80 21.06 1.47
C LYS B 296 12.88 19.74 2.26
N CYS B 297 11.86 18.89 2.16
CA CYS B 297 11.89 17.59 2.87
C CYS B 297 13.09 16.71 2.44
N THR B 298 13.54 16.94 1.22
CA THR B 298 14.62 16.20 0.59
C THR B 298 16.01 16.81 0.83
N ALA B 299 16.08 17.96 1.52
CA ALA B 299 17.39 18.64 1.68
C ALA B 299 18.44 17.76 2.37
N ILE B 300 19.70 17.93 1.96
CA ILE B 300 20.80 17.23 2.61
C ILE B 300 20.91 17.71 4.06
N ARG B 301 20.90 16.77 5.00
CA ARG B 301 21.05 17.06 6.44
C ARG B 301 22.33 16.47 7.01
N ARG B 302 22.79 15.36 6.41
CA ARG B 302 23.99 14.66 6.85
C ARG B 302 24.94 14.43 5.66
N ALA B 303 26.17 14.95 5.75
CA ALA B 303 27.17 14.81 4.71
C ALA B 303 28.32 13.99 5.28
N PHE B 304 28.54 12.82 4.68
CA PHE B 304 29.56 11.87 5.12
C PHE B 304 30.73 11.86 4.15
N VAL B 305 31.94 12.12 4.67
CA VAL B 305 33.13 12.26 3.84
C VAL B 305 34.26 11.43 4.46
N PRO B 306 35.20 10.95 3.65
CA PRO B 306 36.36 10.23 4.22
C PRO B 306 37.11 11.04 5.28
N GLU B 307 37.58 10.36 6.33
CA GLU B 307 38.39 11.01 7.37
C GLU B 307 39.43 11.96 6.78
N ALA B 308 40.16 11.51 5.76
CA ALA B 308 41.22 12.29 5.15
C ALA B 308 40.73 13.59 4.51
N ALA B 309 39.47 13.57 4.05
CA ALA B 309 38.84 14.68 3.34
C ALA B 309 38.09 15.66 4.25
N LEU B 310 37.97 15.34 5.54
CA LEU B 310 37.15 16.17 6.46
C LEU B 310 37.56 17.64 6.47
N GLU B 311 38.85 17.91 6.71
CA GLU B 311 39.30 19.32 6.79
C GLU B 311 39.12 20.11 5.48
N PRO B 312 39.60 19.57 4.33
CA PRO B 312 39.33 20.23 3.04
C PRO B 312 37.84 20.43 2.73
N VAL B 313 37.00 19.46 3.06
CA VAL B 313 35.54 19.62 2.90
C VAL B 313 35.00 20.83 3.68
N LEU B 314 35.32 20.89 4.97
CA LEU B 314 34.86 22.00 5.83
C LEU B 314 35.35 23.34 5.29
N GLU B 315 36.61 23.39 4.87
CA GLU B 315 37.16 24.63 4.34
C GLU B 315 36.45 25.08 3.05
N ALA B 316 36.16 24.12 2.17
CA ALA B 316 35.50 24.40 0.92
C ALA B 316 34.04 24.85 1.13
N LEU B 317 33.35 24.19 2.07
CA LEU B 317 31.96 24.53 2.40
C LEU B 317 31.88 25.92 3.02
N LYS B 318 32.82 26.21 3.91
CA LYS B 318 32.91 27.55 4.52
C LYS B 318 33.03 28.61 3.44
N ALA B 319 33.95 28.43 2.51
CA ALA B 319 34.16 29.43 1.45
C ALA B 319 32.91 29.65 0.58
N LYS B 320 32.22 28.57 0.21
CA LYS B 320 31.04 28.68 -0.64
C LYS B 320 29.83 29.25 0.12
N LEU B 321 29.66 28.82 1.37
CA LEU B 321 28.56 29.34 2.21
C LEU B 321 28.69 30.85 2.45
N ALA B 322 29.94 31.32 2.50
CA ALA B 322 30.24 32.73 2.71
C ALA B 322 29.68 33.65 1.63
N LYS B 323 29.44 33.11 0.44
CA LYS B 323 28.87 33.90 -0.66
C LYS B 323 27.36 34.02 -0.56
N ILE B 324 26.75 33.23 0.32
CA ILE B 324 25.29 33.26 0.51
C ILE B 324 24.86 34.46 1.34
N THR B 325 24.29 35.46 0.67
CA THR B 325 23.77 36.64 1.35
C THR B 325 22.30 36.40 1.71
N VAL B 326 21.90 36.92 2.88
CA VAL B 326 20.60 36.62 3.46
C VAL B 326 19.83 37.91 3.71
N GLY B 327 18.53 37.88 3.48
CA GLY B 327 17.72 39.07 3.69
C GLY B 327 16.43 39.08 2.92
N ASN B 328 16.01 40.29 2.58
CA ASN B 328 14.74 40.50 1.90
C ASN B 328 14.83 40.02 0.45
N PRO B 329 13.96 39.05 0.06
CA PRO B 329 13.99 38.51 -1.30
C PRO B 329 13.70 39.55 -2.39
N ARG B 330 13.14 40.69 -1.99
CA ARG B 330 12.86 41.78 -2.93
C ARG B 330 14.15 42.43 -3.48
N ASN B 331 15.26 42.20 -2.77
CA ASN B 331 16.58 42.69 -3.17
C ASN B 331 17.31 41.66 -4.05
N ASP B 332 17.69 42.10 -5.26
CA ASP B 332 18.43 41.27 -6.21
C ASP B 332 19.74 40.68 -5.67
N ALA B 333 20.37 41.39 -4.74
CA ALA B 333 21.63 40.96 -4.11
C ALA B 333 21.46 39.75 -3.18
N VAL B 334 20.23 39.44 -2.80
CA VAL B 334 19.98 38.40 -1.80
C VAL B 334 19.94 37.01 -2.44
N ARG B 335 20.74 36.10 -1.92
CA ARG B 335 20.75 34.72 -2.41
C ARG B 335 19.80 33.81 -1.62
N MET B 336 19.52 34.16 -0.36
CA MET B 336 18.62 33.34 0.45
C MET B 336 17.69 34.22 1.31
N GLY B 337 16.40 33.95 1.23
CA GLY B 337 15.41 34.72 2.00
C GLY B 337 15.19 34.21 3.42
N SER B 338 13.92 34.19 3.84
CA SER B 338 13.53 33.81 5.20
C SER B 338 12.97 32.40 5.27
N LEU B 339 12.81 31.91 6.50
CA LEU B 339 11.96 30.75 6.76
C LEU B 339 10.50 31.19 6.55
N VAL B 340 9.56 30.25 6.69
CA VAL B 340 8.17 30.57 6.32
C VAL B 340 7.46 31.42 7.38
N SER B 341 8.01 31.44 8.59
CA SER B 341 7.30 32.06 9.73
C SER B 341 8.22 32.30 10.92
N ARG B 342 7.82 33.24 11.77
CA ARG B 342 8.57 33.47 13.02
C ARG B 342 8.54 32.21 13.90
N GLU B 343 7.44 31.46 13.88
CA GLU B 343 7.37 30.19 14.63
C GLU B 343 8.43 29.18 14.16
N GLN B 344 8.59 29.06 12.84
CA GLN B 344 9.62 28.18 12.30
C GLN B 344 11.01 28.69 12.63
N TYR B 345 11.17 30.01 12.59
CA TYR B 345 12.40 30.66 12.99
C TYR B 345 12.78 30.23 14.43
N GLU B 346 11.81 30.25 15.34
CA GLU B 346 12.03 29.79 16.73
C GLU B 346 12.41 28.29 16.82
N ASN B 347 11.67 27.44 16.08
CA ASN B 347 11.99 26.02 16.04
C ASN B 347 13.41 25.78 15.54
N VAL B 348 13.76 26.49 14.47
CA VAL B 348 15.05 26.27 13.83
C VAL B 348 16.20 26.69 14.75
N LEU B 349 16.06 27.85 15.38
CA LEU B 349 17.10 28.32 16.30
C LEU B 349 17.24 27.39 17.52
N ALA B 350 16.12 26.88 18.02
CA ALA B 350 16.17 25.90 19.11
C ALA B 350 16.90 24.63 18.68
N GLY B 351 16.62 24.18 17.44
CA GLY B 351 17.27 23.01 16.85
C GLY B 351 18.77 23.19 16.71
N ILE B 352 19.18 24.39 16.29
CA ILE B 352 20.60 24.72 16.13
C ILE B 352 21.27 24.60 17.50
N ALA B 353 20.64 25.17 18.54
CA ALA B 353 21.20 25.10 19.90
C ALA B 353 21.33 23.66 20.38
N ALA B 354 20.32 22.85 20.07
CA ALA B 354 20.32 21.43 20.43
C ALA B 354 21.48 20.68 19.78
N LEU B 355 21.64 20.84 18.47
CA LEU B 355 22.71 20.18 17.72
C LEU B 355 24.10 20.57 18.24
N ARG B 356 24.22 21.84 18.61
CA ARG B 356 25.45 22.43 19.10
C ARG B 356 25.97 21.79 20.40
N GLU B 357 25.07 21.15 21.15
CA GLU B 357 25.46 20.43 22.38
C GLU B 357 26.29 19.18 22.10
N GLU B 358 26.20 18.67 20.86
CA GLU B 358 26.83 17.42 20.47
C GLU B 358 27.72 17.54 19.23
N ALA B 359 27.84 18.76 18.73
CA ALA B 359 28.56 19.02 17.47
C ALA B 359 29.25 20.39 17.52
N VAL B 360 30.31 20.51 16.75
CA VAL B 360 31.05 21.76 16.65
C VAL B 360 30.48 22.58 15.50
N LEU B 361 30.27 23.87 15.73
CA LEU B 361 29.79 24.77 14.70
C LEU B 361 30.97 25.27 13.85
N ALA B 362 31.07 24.77 12.61
CA ALA B 362 32.17 25.11 11.70
C ALA B 362 31.90 26.39 10.91
N TYR B 363 30.62 26.69 10.70
CA TYR B 363 30.24 27.87 9.96
C TYR B 363 28.92 28.42 10.49
N ASP B 364 28.86 29.73 10.62
CA ASP B 364 27.65 30.41 11.09
C ASP B 364 27.79 31.89 10.77
N SER B 365 26.99 32.37 9.82
CA SER B 365 27.05 33.77 9.40
C SER B 365 25.93 34.63 10.02
N SER B 366 25.45 34.20 11.19
CA SER B 366 24.43 34.94 11.95
C SER B 366 24.75 36.44 12.20
N ALA B 367 26.03 36.76 12.38
CA ALA B 367 26.45 38.15 12.68
C ALA B 367 26.31 39.10 11.49
N VAL B 368 26.25 38.54 10.28
CA VAL B 368 26.23 39.34 9.07
C VAL B 368 24.88 40.07 8.98
N PRO B 369 24.89 41.43 8.89
CA PRO B 369 23.61 42.15 8.89
C PRO B 369 22.71 41.74 7.71
N LEU B 370 21.42 41.59 7.96
CA LEU B 370 20.46 41.25 6.88
C LEU B 370 20.36 42.37 5.85
N ILE B 371 20.19 42.01 4.59
CA ILE B 371 20.00 42.97 3.51
C ILE B 371 18.51 43.36 3.44
N ASP B 372 18.21 44.66 3.61
CA ASP B 372 16.83 45.20 3.53
C ASP B 372 15.83 44.52 4.46
N ALA B 373 16.31 44.00 5.58
CA ALA B 373 15.47 43.30 6.53
C ALA B 373 15.94 43.61 7.94
N ASP B 374 14.98 43.60 8.85
CA ASP B 374 15.21 43.86 10.26
C ASP B 374 15.27 42.51 10.97
N ALA B 375 16.47 42.17 11.44
CA ALA B 375 16.74 40.87 12.07
C ALA B 375 15.78 40.58 13.20
N ASN B 376 15.23 41.64 13.79
CA ASN B 376 14.28 41.50 14.85
C ASN B 376 12.80 41.34 14.42
N ILE B 377 12.54 41.40 13.11
CA ILE B 377 11.19 41.22 12.55
C ILE B 377 11.16 40.00 11.61
N ALA B 378 12.18 39.90 10.77
CA ALA B 378 12.28 38.82 9.79
C ALA B 378 12.55 37.45 10.41
N ALA B 379 12.07 36.42 9.73
CA ALA B 379 12.32 35.03 10.10
C ALA B 379 13.54 34.49 9.33
N CYS B 380 14.58 35.31 9.21
CA CYS B 380 15.83 34.92 8.56
C CYS B 380 16.76 34.20 9.56
N VAL B 381 17.21 33.03 9.13
CA VAL B 381 18.30 32.31 9.78
C VAL B 381 19.42 32.14 8.75
N ALA B 382 20.65 32.44 9.17
CA ALA B 382 21.84 32.28 8.34
C ALA B 382 22.24 30.80 8.28
N PRO B 383 23.00 30.40 7.25
CA PRO B 383 23.42 29.00 7.21
C PRO B 383 24.29 28.66 8.41
N HIS B 384 24.06 27.47 8.97
CA HIS B 384 24.90 26.90 10.04
C HIS B 384 25.40 25.52 9.61
N LEU B 385 26.72 25.32 9.74
CA LEU B 385 27.34 24.04 9.38
C LEU B 385 27.99 23.46 10.61
N PHE B 386 27.58 22.24 10.96
CA PHE B 386 28.08 21.47 12.11
C PHE B 386 29.04 20.38 11.65
N VAL B 387 29.97 20.02 12.53
CA VAL B 387 30.86 18.87 12.32
C VAL B 387 30.67 17.96 13.50
N VAL B 388 30.45 16.68 13.21
CA VAL B 388 30.33 15.62 14.22
C VAL B 388 31.46 14.64 13.94
N ASN B 389 32.49 14.65 14.80
CA ASN B 389 33.69 13.86 14.51
C ASN B 389 33.53 12.35 14.72
N ASP B 390 32.56 11.97 15.55
CA ASP B 390 32.37 10.57 15.88
C ASP B 390 30.94 10.16 15.58
N PRO B 391 30.62 9.99 14.27
CA PRO B 391 29.22 9.70 13.93
C PRO B 391 28.70 8.36 14.47
N ASP B 392 29.59 7.41 14.75
CA ASP B 392 29.17 6.13 15.32
C ASP B 392 28.48 6.30 16.66
N ASN B 393 29.01 7.20 17.49
CA ASN B 393 28.50 7.36 18.86
C ASN B 393 27.67 8.63 19.04
N ALA B 394 27.37 9.32 17.93
CA ALA B 394 26.63 10.57 17.97
C ALA B 394 25.18 10.37 18.39
N THR B 395 24.73 11.17 19.36
CA THR B 395 23.39 11.02 19.93
C THR B 395 22.29 11.77 19.17
N LEU B 396 22.66 12.84 18.45
CA LEU B 396 21.68 13.66 17.74
C LEU B 396 21.79 13.60 16.21
N LEU B 397 23.01 13.41 15.70
CA LEU B 397 23.27 13.45 14.25
C LEU B 397 22.25 12.70 13.42
N HIS B 398 21.94 11.48 13.86
CA HIS B 398 21.12 10.56 13.04
C HIS B 398 19.64 10.61 13.36
N ASP B 399 19.27 11.48 14.29
CA ASP B 399 17.92 11.50 14.88
C ASP B 399 17.23 12.87 14.83
N VAL B 400 17.99 13.95 14.96
CA VAL B 400 17.40 15.30 15.08
C VAL B 400 17.49 16.11 13.78
N GLU B 401 16.32 16.42 13.24
CA GLU B 401 16.22 17.18 12.01
C GLU B 401 15.98 18.65 12.34
N VAL B 402 16.83 19.51 11.79
CA VAL B 402 16.58 20.94 11.82
C VAL B 402 16.13 21.37 10.42
N PHE B 403 14.86 21.82 10.34
CA PHE B 403 14.24 22.16 9.07
C PHE B 403 14.56 23.61 8.69
N GLY B 404 15.85 23.86 8.48
CA GLY B 404 16.37 25.18 8.15
C GLY B 404 17.67 25.05 7.39
N PRO B 405 18.44 26.14 7.27
CA PRO B 405 19.66 26.13 6.43
C PRO B 405 20.83 25.54 7.23
N VAL B 406 20.66 24.27 7.59
CA VAL B 406 21.53 23.62 8.57
C VAL B 406 21.86 22.19 8.13
N ALA B 407 23.15 21.84 8.19
CA ALA B 407 23.54 20.46 7.93
C ALA B 407 24.77 20.14 8.77
N SER B 408 25.00 18.84 8.92
CA SER B 408 26.14 18.34 9.67
C SER B 408 27.04 17.48 8.79
N VAL B 409 28.35 17.70 8.92
CA VAL B 409 29.36 16.90 8.22
C VAL B 409 29.99 15.95 9.23
N ALA B 410 30.21 14.71 8.81
CA ALA B 410 30.84 13.72 9.68
C ALA B 410 31.80 12.87 8.83
N PRO B 411 32.97 12.53 9.40
CA PRO B 411 33.89 11.65 8.66
C PRO B 411 33.47 10.17 8.74
N TYR B 412 33.76 9.39 7.70
CA TYR B 412 33.61 7.94 7.83
C TYR B 412 34.95 7.26 7.59
N ARG B 413 35.09 6.05 8.14
CA ARG B 413 36.31 5.25 7.98
C ARG B 413 36.25 4.48 6.67
N VAL B 414 37.18 4.80 5.78
CA VAL B 414 37.23 4.18 4.45
C VAL B 414 37.62 2.70 4.57
N THR B 415 36.87 1.83 3.88
CA THR B 415 37.11 0.40 3.86
C THR B 415 38.10 0.05 2.74
N ALA B 420 34.53 -5.45 -0.37
CA ALA B 420 33.64 -4.43 0.16
C ALA B 420 33.79 -3.04 -0.50
N LEU B 421 32.70 -2.27 -0.48
CA LEU B 421 32.69 -0.91 -0.97
C LEU B 421 33.53 -0.04 -0.05
N PRO B 422 34.39 0.84 -0.61
CA PRO B 422 35.15 1.81 0.18
C PRO B 422 34.21 2.64 1.07
N GLU B 423 32.97 2.78 0.63
CA GLU B 423 31.99 3.63 1.31
C GLU B 423 31.07 2.84 2.25
N ALA B 424 31.44 1.59 2.57
CA ALA B 424 30.58 0.73 3.40
C ALA B 424 30.16 1.41 4.69
N HIS B 425 31.09 2.08 5.36
CA HIS B 425 30.78 2.77 6.61
C HIS B 425 29.74 3.90 6.42
N ALA B 426 29.93 4.69 5.35
CA ALA B 426 28.99 5.75 4.99
C ALA B 426 27.60 5.19 4.74
N VAL B 427 27.55 4.00 4.13
CA VAL B 427 26.27 3.31 3.85
C VAL B 427 25.59 2.95 5.18
N ALA B 428 26.36 2.39 6.13
CA ALA B 428 25.85 2.06 7.45
C ALA B 428 25.37 3.32 8.19
N LEU B 429 26.16 4.39 8.08
CA LEU B 429 25.82 5.66 8.71
C LEU B 429 24.53 6.27 8.12
N ALA B 430 24.42 6.23 6.80
CA ALA B 430 23.17 6.70 6.16
C ALA B 430 21.96 5.91 6.67
N ARG B 431 22.11 4.60 6.78
CA ARG B 431 21.06 3.70 7.26
C ARG B 431 20.60 4.10 8.66
N ARG B 432 21.51 4.65 9.48
CA ARG B 432 21.15 5.10 10.84
C ARG B 432 20.10 6.22 10.85
N GLY B 433 19.85 6.83 9.69
CA GLY B 433 18.77 7.82 9.58
C GLY B 433 17.38 7.18 9.72
N GLN B 434 17.36 5.84 9.80
CA GLN B 434 16.15 5.02 9.98
C GLN B 434 15.14 5.13 8.83
N GLY B 435 15.65 5.45 7.63
CA GLY B 435 14.82 5.48 6.43
C GLY B 435 14.59 6.88 5.92
N SER B 436 14.98 7.14 4.67
CA SER B 436 15.05 8.50 4.15
C SER B 436 14.49 8.64 2.73
N LEU B 437 14.14 9.88 2.39
CA LEU B 437 13.68 10.18 1.03
C LEU B 437 14.78 9.97 0.00
N VAL B 438 15.97 10.47 0.30
CA VAL B 438 17.04 10.50 -0.70
C VAL B 438 18.43 10.44 -0.07
N ALA B 439 19.31 9.72 -0.76
CA ALA B 439 20.73 9.82 -0.57
C ALA B 439 21.37 10.23 -1.90
N SER B 440 22.29 11.17 -1.86
CA SER B 440 23.11 11.45 -3.05
C SER B 440 24.54 10.93 -2.83
N ILE B 441 25.20 10.58 -3.92
CA ILE B 441 26.56 10.04 -3.90
C ILE B 441 27.38 10.73 -4.99
N TYR B 442 28.67 10.90 -4.72
CA TYR B 442 29.55 11.75 -5.53
C TYR B 442 30.83 11.01 -5.81
N SER B 443 31.11 10.79 -7.10
CA SER B 443 32.31 10.08 -7.49
C SER B 443 32.78 10.54 -8.87
N ASN B 444 34.06 10.30 -9.17
CA ASN B 444 34.57 10.53 -10.52
C ASN B 444 34.33 9.34 -11.42
N ASP B 445 33.99 8.21 -10.80
CA ASP B 445 33.94 6.91 -11.46
C ASP B 445 32.49 6.43 -11.67
N ASP B 446 31.96 6.64 -12.88
CA ASP B 446 30.58 6.19 -13.19
C ASP B 446 30.36 4.68 -12.98
N ALA B 447 31.42 3.88 -13.15
CA ALA B 447 31.35 2.40 -12.99
C ALA B 447 31.26 1.99 -11.51
N HIS B 448 31.45 2.95 -10.61
CA HIS B 448 31.41 2.70 -9.18
C HIS B 448 30.03 3.02 -8.62
N LEU B 449 29.32 3.92 -9.29
CA LEU B 449 28.06 4.48 -8.78
C LEU B 449 26.93 3.47 -8.60
N GLY B 450 26.81 2.53 -9.53
CA GLY B 450 25.77 1.50 -9.47
C GLY B 450 25.79 0.62 -8.24
N ARG B 451 26.95 0.03 -7.94
CA ARG B 451 27.10 -0.86 -6.79
C ARG B 451 26.76 -0.10 -5.49
N LEU B 452 27.29 1.11 -5.36
CA LEU B 452 27.03 1.90 -4.17
C LEU B 452 25.53 2.22 -4.06
N ALA B 453 24.94 2.66 -5.17
CA ALA B 453 23.52 3.01 -5.18
C ALA B 453 22.62 1.85 -4.71
N LEU B 454 22.93 0.63 -5.17
CA LEU B 454 22.13 -0.53 -4.80
C LEU B 454 22.26 -0.82 -3.31
N GLU B 455 23.42 -0.47 -2.73
CA GLU B 455 23.63 -0.64 -1.29
C GLU B 455 22.76 0.30 -0.47
N LEU B 456 22.39 1.43 -1.07
CA LEU B 456 21.59 2.46 -0.39
C LEU B 456 20.08 2.27 -0.61
N ALA B 457 19.73 1.45 -1.59
CA ALA B 457 18.37 1.42 -2.12
C ALA B 457 17.30 0.98 -1.12
N ASP B 458 17.62 0.06 -0.21
CA ASP B 458 16.60 -0.46 0.70
C ASP B 458 16.25 0.54 1.82
N SER B 459 17.07 1.57 1.99
CA SER B 459 16.84 2.54 3.06
C SER B 459 16.52 3.95 2.53
N HIS B 460 16.52 4.10 1.20
CA HIS B 460 16.29 5.40 0.56
C HIS B 460 15.35 5.27 -0.62
N GLY B 461 14.31 6.11 -0.63
CA GLY B 461 13.34 6.16 -1.72
C GLY B 461 13.96 6.52 -3.06
N ARG B 462 15.04 7.30 -3.04
CA ARG B 462 15.73 7.76 -4.22
C ARG B 462 17.21 7.85 -3.92
N VAL B 463 18.03 7.37 -4.85
CA VAL B 463 19.48 7.52 -4.76
C VAL B 463 19.91 8.31 -5.98
N HIS B 464 20.60 9.42 -5.73
CA HIS B 464 20.89 10.42 -6.74
C HIS B 464 22.41 10.52 -6.90
N ALA B 465 22.94 10.04 -8.02
CA ALA B 465 24.41 9.95 -8.18
C ALA B 465 24.90 11.11 -9.05
N ILE B 466 25.84 11.87 -8.48
CA ILE B 466 26.45 13.01 -9.14
C ILE B 466 27.93 12.73 -9.47
N SER B 467 28.27 12.92 -10.74
CA SER B 467 29.62 12.68 -11.23
C SER B 467 29.89 13.66 -12.39
N PRO B 468 31.19 13.87 -12.73
CA PRO B 468 31.58 14.79 -13.79
C PRO B 468 30.78 14.65 -15.09
N SER B 469 30.53 13.42 -15.54
CA SER B 469 29.82 13.21 -16.80
C SER B 469 28.39 13.77 -16.79
N VAL B 470 27.86 14.00 -15.58
CA VAL B 470 26.52 14.56 -15.45
C VAL B 470 26.49 15.91 -14.74
N GLN B 471 27.64 16.61 -14.71
CA GLN B 471 27.69 17.93 -14.06
C GLN B 471 26.62 18.91 -14.59
N HIS B 472 26.36 18.84 -15.89
CA HIS B 472 25.44 19.75 -16.60
C HIS B 472 24.00 19.19 -16.68
N SER B 473 23.84 17.90 -16.41
CA SER B 473 22.57 17.23 -16.67
C SER B 473 21.87 16.69 -15.44
N GLN B 474 22.62 16.45 -14.35
CA GLN B 474 22.04 15.92 -13.13
C GLN B 474 20.97 16.91 -12.63
N THR B 475 19.84 16.36 -12.17
CA THR B 475 18.64 17.16 -11.88
C THR B 475 18.53 17.66 -10.44
N GLY B 476 19.58 17.50 -9.64
CA GLY B 476 19.58 18.05 -8.26
C GLY B 476 19.24 17.01 -7.22
N HIS B 477 20.01 17.03 -6.13
CA HIS B 477 19.75 16.13 -5.01
C HIS B 477 18.30 16.27 -4.54
N GLY B 478 17.86 17.51 -4.31
CA GLY B 478 16.60 17.74 -3.60
C GLY B 478 15.39 17.90 -4.49
N ASN B 479 15.62 18.12 -5.77
CA ASN B 479 14.54 18.32 -6.75
C ASN B 479 13.86 17.01 -7.11
N VAL B 480 12.54 17.04 -7.09
CA VAL B 480 11.77 15.82 -7.26
C VAL B 480 11.24 15.79 -8.69
N MET B 481 11.93 14.99 -9.51
CA MET B 481 11.52 14.80 -10.90
C MET B 481 10.28 13.89 -10.89
N PRO B 482 9.16 14.35 -11.50
CA PRO B 482 7.88 13.60 -11.41
C PRO B 482 7.91 12.21 -12.06
N MET B 483 8.88 11.97 -12.96
CA MET B 483 9.03 10.63 -13.54
C MET B 483 9.67 9.60 -12.59
N SER B 484 10.21 10.10 -11.48
CA SER B 484 10.88 9.26 -10.51
C SER B 484 10.05 9.19 -9.23
N LEU B 485 10.13 8.06 -8.56
CA LEU B 485 9.44 7.86 -7.28
C LEU B 485 9.87 8.87 -6.22
N HIS B 486 8.90 9.31 -5.41
CA HIS B 486 9.15 10.22 -4.28
C HIS B 486 8.56 9.61 -3.02
N GLY B 487 9.34 9.59 -1.95
CA GLY B 487 8.92 8.87 -0.74
C GLY B 487 10.09 8.06 -0.23
N GLY B 488 9.90 7.44 0.93
CA GLY B 488 10.96 6.63 1.50
C GLY B 488 10.46 5.76 2.63
N PRO B 489 11.24 4.73 2.98
CA PRO B 489 10.88 3.78 4.03
C PRO B 489 11.12 4.38 5.41
N GLY B 490 10.64 3.67 6.44
CA GLY B 490 10.90 4.05 7.84
C GLY B 490 10.41 5.43 8.18
N ARG B 491 11.32 6.21 8.76
CA ARG B 491 11.02 7.55 9.27
C ARG B 491 10.41 8.46 8.18
N ALA B 492 10.85 8.27 6.94
CA ALA B 492 10.35 9.09 5.84
C ALA B 492 8.87 8.85 5.52
N GLY B 493 8.27 7.81 6.11
CA GLY B 493 6.82 7.62 6.04
C GLY B 493 6.33 6.32 5.43
N GLY B 494 7.21 5.63 4.71
CA GLY B 494 6.83 4.37 4.02
C GLY B 494 5.92 4.59 2.82
N GLY B 495 5.87 5.83 2.35
CA GLY B 495 5.00 6.25 1.26
C GLY B 495 5.64 6.20 -0.10
N GLU B 496 4.79 6.32 -1.11
CA GLU B 496 5.22 6.41 -2.49
C GLU B 496 4.34 7.41 -3.20
N GLU B 497 4.99 8.30 -3.94
CA GLU B 497 4.28 9.24 -4.81
C GLU B 497 5.00 9.33 -6.13
N LEU B 498 4.34 9.95 -7.12
CA LEU B 498 4.97 10.26 -8.42
C LEU B 498 5.54 8.98 -9.07
N GLY B 499 6.72 9.05 -9.67
CA GLY B 499 7.24 7.90 -10.41
C GLY B 499 6.45 7.67 -11.68
N GLY B 500 5.95 8.77 -12.24
CA GLY B 500 5.20 8.72 -13.50
C GLY B 500 3.93 7.91 -13.36
N LEU B 501 3.81 6.86 -14.17
CA LEU B 501 2.64 5.97 -14.16
C LEU B 501 2.38 5.31 -12.79
N ARG B 502 3.45 5.19 -11.97
CA ARG B 502 3.36 4.49 -10.69
C ARG B 502 2.40 5.20 -9.75
N ALA B 503 2.21 6.49 -10.00
CA ALA B 503 1.35 7.33 -9.12
C ALA B 503 -0.14 6.96 -9.21
N LEU B 504 -0.51 6.25 -10.27
CA LEU B 504 -1.93 5.97 -10.50
C LEU B 504 -2.52 4.90 -9.55
N ALA B 505 -1.71 3.94 -9.11
CA ALA B 505 -2.21 2.79 -8.33
C ALA B 505 -2.94 3.28 -7.07
N PHE B 506 -2.39 4.33 -6.44
CA PHE B 506 -2.94 4.86 -5.19
C PHE B 506 -4.42 5.25 -5.34
N TYR B 507 -4.80 5.68 -6.54
CA TYR B 507 -6.13 6.19 -6.84
C TYR B 507 -7.08 5.16 -7.48
N HIS B 508 -6.57 3.95 -7.68
CA HIS B 508 -7.35 2.89 -8.32
C HIS B 508 -7.52 1.67 -7.41
N ARG B 509 -8.48 0.80 -7.74
CA ARG B 509 -8.46 -0.56 -7.20
C ARG B 509 -8.07 -1.49 -8.34
N ARG B 510 -7.16 -2.40 -8.03
CA ARG B 510 -6.74 -3.42 -8.97
C ARG B 510 -7.63 -4.63 -8.81
N SER B 511 -8.15 -5.15 -9.91
CA SER B 511 -8.96 -6.36 -9.85
C SER B 511 -8.52 -7.38 -10.88
N ALA B 512 -8.59 -8.65 -10.49
CA ALA B 512 -8.38 -9.77 -11.42
C ALA B 512 -9.70 -10.17 -12.05
N ILE B 513 -9.75 -10.18 -13.38
CA ILE B 513 -10.92 -10.69 -14.07
C ILE B 513 -10.56 -12.03 -14.69
N GLN B 514 -11.28 -13.07 -14.30
CA GLN B 514 -11.03 -14.43 -14.78
C GLN B 514 -12.26 -14.83 -15.61
N ALA B 515 -12.04 -15.23 -16.87
CA ALA B 515 -13.18 -15.41 -17.78
C ALA B 515 -12.81 -16.14 -19.07
N ALA B 516 -13.84 -16.54 -19.79
CA ALA B 516 -13.65 -17.05 -21.16
C ALA B 516 -12.88 -16.02 -22.04
N SER B 517 -12.10 -16.54 -23.00
CA SER B 517 -11.29 -15.70 -23.91
C SER B 517 -12.06 -14.52 -24.50
N ALA B 518 -13.28 -14.76 -24.99
CA ALA B 518 -14.08 -13.71 -25.64
C ALA B 518 -14.48 -12.62 -24.65
N ALA B 519 -14.69 -13.00 -23.38
CA ALA B 519 -14.99 -12.02 -22.35
C ALA B 519 -13.75 -11.16 -22.05
N ILE B 520 -12.60 -11.81 -21.96
CA ILE B 520 -11.31 -11.11 -21.80
C ILE B 520 -11.07 -10.16 -23.00
N GLY B 521 -11.38 -10.62 -24.21
CA GLY B 521 -11.29 -9.76 -25.39
C GLY B 521 -12.12 -8.48 -25.31
N THR B 522 -13.37 -8.61 -24.84
CA THR B 522 -14.30 -7.47 -24.78
C THR B 522 -13.93 -6.51 -23.66
N LEU B 523 -13.50 -7.06 -22.52
CA LEU B 523 -13.08 -6.17 -21.45
C LEU B 523 -11.79 -5.43 -21.83
N THR B 524 -10.91 -6.12 -22.55
CA THR B 524 -9.64 -5.55 -23.04
C THR B 524 -9.80 -4.37 -24.04
N GLN B 525 -10.78 -4.45 -24.95
CA GLN B 525 -11.13 -3.33 -25.85
C GLN B 525 -11.46 -2.04 -25.11
N ALA B 526 -11.79 -2.18 -23.83
CA ALA B 526 -12.26 -1.07 -23.00
C ALA B 526 -11.16 -0.62 -22.03
N THR B 527 -9.95 -1.10 -22.29
CA THR B 527 -8.78 -0.70 -21.48
C THR B 527 -7.61 -0.24 -22.35
N HIS B 528 -6.60 0.31 -21.67
CA HIS B 528 -5.41 0.83 -22.33
C HIS B 528 -4.30 0.87 -21.29
N TRP B 529 -3.07 0.68 -21.77
CA TRP B 529 -1.86 1.01 -20.99
C TRP B 529 -0.74 1.42 -21.95
N PRO B 530 0.04 2.45 -21.59
CA PRO B 530 1.13 2.86 -22.48
C PRO B 530 2.11 1.72 -22.84
N ALA B 531 2.65 1.77 -24.06
CA ALA B 531 3.61 0.76 -24.51
C ALA B 531 4.87 0.84 -23.65
PA NDP C . -9.84 -14.46 16.53
O1A NDP C . -9.73 -13.52 15.25
O2A NDP C . -9.83 -13.80 17.88
O5B NDP C . -8.17 -14.56 16.41
C5B NDP C . -7.49 -14.89 15.15
C4B NDP C . -5.95 -14.78 15.23
O4B NDP C . -5.59 -13.37 15.48
C3B NDP C . -5.35 -15.58 16.40
O3B NDP C . -4.01 -15.95 16.03
C2B NDP C . -5.29 -14.51 17.51
O2B NDP C . -4.29 -14.81 18.48
C1B NDP C . -4.82 -13.31 16.69
N9A NDP C . -4.95 -12.03 17.46
C8A NDP C . -6.04 -11.56 18.08
N7A NDP C . -5.72 -10.41 18.67
C5A NDP C . -4.44 -10.14 18.43
C6A NDP C . -3.59 -9.10 18.78
N6A NDP C . -4.05 -8.10 19.50
N1A NDP C . -2.30 -9.14 18.37
C2A NDP C . -1.85 -10.16 17.62
N3A NDP C . -2.65 -11.16 17.27
C4A NDP C . -3.94 -11.18 17.66
O3 NDP C . -9.75 -16.08 16.37
PN NDP C . -10.81 -17.03 15.41
O1N NDP C . -9.33 -17.59 14.95
O2N NDP C . -11.47 -17.55 16.71
O5D NDP C . -11.36 -15.67 14.76
C5D NDP C . -11.34 -15.64 13.29
C4D NDP C . -12.71 -16.02 12.73
O4D NDP C . -13.74 -15.27 13.40
C3D NDP C . -12.86 -15.53 11.30
O3D NDP C . -12.19 -16.43 10.39
C2D NDP C . -14.39 -15.55 11.13
O2D NDP C . -14.80 -16.78 10.55
C1D NDP C . -14.92 -15.49 12.58
N1N NDP C . -15.94 -14.45 12.86
C2N NDP C . -17.10 -14.80 13.58
C3N NDP C . -18.07 -13.85 13.87
C7N NDP C . -19.33 -14.29 14.64
O7N NDP C . -19.46 -15.45 15.00
N7N NDP C . -20.22 -13.33 14.88
C4N NDP C . -17.92 -12.38 13.41
C5N NDP C . -16.72 -12.14 12.72
C6N NDP C . -15.77 -13.12 12.45
P2B NDP C . -4.69 -15.61 19.86
O1X NDP C . -3.81 -14.90 20.96
O2X NDP C . -6.24 -15.33 20.13
O3X NDP C . -4.38 -17.06 19.71
OH2 ETE D . -7.20 -29.60 -5.74
C12 ETE D . -5.83 -29.21 -5.91
C22 ETE D . -5.79 -27.95 -6.77
OH3 ETE D . -4.50 -27.52 -7.24
C13 ETE D . -4.33 -25.23 -6.51
C23 ETE D . -4.56 -26.14 -7.71
OH4 ETE D . -4.95 -23.92 -6.54
C14 ETE D . -6.05 -23.46 -4.39
C24 ETE D . -4.80 -23.27 -5.24
OH5 ETE D . -6.13 -22.64 -3.19
C15 ETE D . -7.92 -21.79 -1.62
C25 ETE D . -7.44 -21.95 -3.08
OH6 ETE D . -8.33 -20.46 -1.21
C26 ETE D . -9.79 -20.37 -1.32
PA NDP E . 2.63 19.01 10.85
O1A NDP E . 3.41 17.98 9.91
O2A NDP E . 1.15 19.01 11.02
O5B NDP E . 2.29 19.77 9.40
C5B NDP E . 1.72 19.10 8.19
C4B NDP E . 0.21 19.45 7.93
O4B NDP E . -0.70 18.66 8.75
C3B NDP E . 0.00 20.91 8.38
O3B NDP E . -0.43 21.70 7.28
C2B NDP E . -1.10 20.87 9.42
O2B NDP E . -2.06 21.91 9.19
C1B NDP E . -1.76 19.52 9.21
N9A NDP E . -2.10 19.03 10.54
C8A NDP E . -1.40 19.28 11.66
N7A NDP E . -1.97 18.66 12.69
C5A NDP E . -3.04 18.04 12.23
C6A NDP E . -4.02 17.25 12.84
N6A NDP E . -3.97 17.01 14.14
N1A NDP E . -5.00 16.74 12.08
C2A NDP E . -5.07 16.98 10.76
N3A NDP E . -4.15 17.72 10.16
C4A NDP E . -3.14 18.26 10.87
O3 NDP E . 3.48 20.31 11.24
PN NDP E . 3.05 21.83 10.95
O1N NDP E . 4.10 22.74 11.88
O2N NDP E . 2.08 22.48 11.98
O5D NDP E . 4.31 22.32 9.84
C5D NDP E . 5.02 21.05 9.40
C4D NDP E . 6.53 21.10 9.31
O4D NDP E . 7.21 20.93 10.56
C3D NDP E . 6.82 19.81 8.54
O3D NDP E . 7.00 20.12 7.15
C2D NDP E . 8.11 19.28 9.19
O2D NDP E . 9.13 19.05 8.21
C1D NDP E . 8.52 20.45 10.12
N1N NDP E . 9.45 20.14 11.25
C2N NDP E . 9.14 20.56 12.55
C3N NDP E . 10.00 20.27 13.62
C7N NDP E . 9.62 20.74 15.04
O7N NDP E . 8.56 21.36 15.25
N7N NDP E . 10.49 20.45 16.00
C4N NDP E . 11.33 19.51 13.39
C5N NDP E . 11.56 19.15 12.05
C6N NDP E . 10.67 19.44 11.02
P2B NDP E . -1.78 23.48 9.67
O1X NDP E . -1.65 23.41 11.28
O2X NDP E . -0.29 23.95 9.18
O3X NDP E . -2.84 24.36 9.11
O1 P6G F . 11.04 18.62 -1.47
C2 P6G F . 11.48 18.93 -2.83
C3 P6G F . 10.31 18.94 -3.82
O4 P6G F . 10.51 19.94 -4.83
C5 P6G F . 10.90 19.29 -6.08
C6 P6G F . 11.19 20.23 -7.20
O7 P6G F . 10.04 20.30 -8.06
C8 P6G F . 10.59 20.46 -9.35
C9 P6G F . 9.91 19.71 -10.44
O10 P6G F . 10.77 19.87 -11.57
C11 P6G F . 10.46 21.13 -12.19
C12 P6G F . 11.40 21.49 -13.31
O13 P6G F . 11.07 22.83 -13.68
C14 P6G F . 11.85 23.70 -12.86
C15 P6G F . 11.54 25.18 -12.99
O16 P6G F . 12.00 25.83 -11.77
C17 P6G F . 13.42 25.76 -11.59
C18 P6G F . 13.91 27.00 -10.85
O19 P6G F . 15.15 26.71 -10.20
#